data_3R4U
#
_entry.id   3R4U
#
_cell.length_a   98.017
_cell.length_b   76.496
_cell.length_c   106.943
_cell.angle_alpha   90.00
_cell.angle_beta   116.27
_cell.angle_gamma   90.00
#
_symmetry.space_group_name_H-M   'P 1 21 1'
#
loop_
_entity.id
_entity.type
_entity.pdbx_description
1 polymer 'Botulinum neurotoxin type C1'
2 water water
#
_entity_poly.entity_id   1
_entity_poly.type   'polypeptide(L)'
_entity_poly.pdbx_seq_one_letter_code
;MRGSMANINDSKILSLQNRKNTLVDTSGYNAEVSEEGDVQLNPIFPFDFKLGSSGEDRGKVIVTQNENIVYNSMYESFSI
SFWIRINKWVSNLPGYTIIDSVKNNSGWSIGIISNFLVFTLKQNEDSEQSINFSYDISNNAPGYNKWFFVTVTNNMMGNM
KIYINGKLIDTIKVKELTGINFSKTITFEINKIPDTGLITSDSDNINMWIRDFYIFAKELDGKDINILFNSLQYTNVVKD
YWGNDLRYNKEYYMVNIDYLNRYMYANSRQIVFNTRRNNNDFNEGYKIIIKRIRGNTNDTRVRGGDILYFDMTINNKAYN
LFMKNETMYADNHSTEDIYAIGLREQTKDINDNIIFQIQPMNNTYYYASQIFKSNFNGENISGICSIGTYRFRLGGDWYR
HNYLVPTVKQGNYASLLESTSTHWGFVPVSEPGSAWSHPQFEK
;
_entity_poly.pdbx_strand_id   A,B
#
# COMPACT_ATOMS: atom_id res chain seq x y z
N SER A 4 13.69 -8.89 -8.68
CA SER A 4 14.17 -9.71 -9.78
C SER A 4 13.68 -11.14 -9.78
N MET A 5 13.24 -11.46 -10.97
CA MET A 5 12.54 -12.68 -11.38
C MET A 5 13.48 -13.87 -11.55
N ALA A 6 14.77 -13.59 -11.70
CA ALA A 6 15.77 -14.61 -11.99
C ALA A 6 15.68 -15.82 -11.06
N ASN A 7 15.76 -15.58 -9.76
CA ASN A 7 15.70 -16.65 -8.76
C ASN A 7 14.35 -17.37 -8.69
N ILE A 8 13.28 -16.61 -8.87
CA ILE A 8 11.94 -17.18 -8.89
C ILE A 8 11.83 -18.16 -10.06
N ASN A 9 12.31 -17.73 -11.22
CA ASN A 9 12.21 -18.53 -12.44
C ASN A 9 13.04 -19.81 -12.46
N ASP A 10 14.08 -19.88 -11.65
CA ASP A 10 14.85 -21.11 -11.54
C ASP A 10 13.96 -22.29 -11.16
N SER A 11 12.86 -22.03 -10.45
CA SER A 11 12.00 -23.14 -10.00
C SER A 11 10.76 -23.32 -10.88
N LYS A 12 10.68 -22.58 -11.98
CA LYS A 12 9.53 -22.71 -12.86
C LYS A 12 9.54 -24.02 -13.66
N ILE A 13 8.47 -24.79 -13.58
CA ILE A 13 8.43 -26.08 -14.26
C ILE A 13 7.38 -26.15 -15.36
N LEU A 14 6.54 -25.12 -15.46
CA LEU A 14 5.56 -25.02 -16.53
C LEU A 14 5.29 -23.55 -16.75
N SER A 15 5.26 -23.13 -18.00
CA SER A 15 5.05 -21.72 -18.29
C SER A 15 4.17 -21.66 -19.54
N LEU A 16 2.87 -21.83 -19.34
CA LEU A 16 1.94 -21.88 -20.47
C LEU A 16 1.68 -20.49 -20.98
N GLN A 17 2.03 -20.24 -22.24
CA GLN A 17 1.84 -18.93 -22.82
C GLN A 17 1.37 -18.98 -24.26
N ASN A 18 0.76 -17.88 -24.67
CA ASN A 18 0.36 -17.68 -26.05
C ASN A 18 1.47 -16.89 -26.75
N ARG A 19 2.32 -17.59 -27.52
CA ARG A 19 3.41 -16.98 -28.27
C ARG A 19 3.10 -17.07 -29.77
N LYS A 20 2.91 -15.92 -30.40
CA LYS A 20 2.65 -15.87 -31.84
C LYS A 20 1.49 -16.77 -32.24
N ASN A 21 0.34 -16.55 -31.60
CA ASN A 21 -0.89 -17.30 -31.94
C ASN A 21 -0.76 -18.80 -31.71
N THR A 22 0.13 -19.17 -30.81
CA THR A 22 0.31 -20.57 -30.42
C THR A 22 0.47 -20.68 -28.91
N LEU A 23 -0.23 -21.64 -28.31
CA LEU A 23 -0.05 -21.95 -26.90
C LEU A 23 1.13 -22.88 -26.77
N VAL A 24 2.10 -22.49 -25.95
CA VAL A 24 3.33 -23.25 -25.78
C VAL A 24 3.81 -23.20 -24.34
N ASP A 25 4.58 -24.23 -23.95
CA ASP A 25 5.28 -24.22 -22.68
C ASP A 25 6.68 -23.61 -22.88
N THR A 26 6.94 -22.47 -22.24
CA THR A 26 8.25 -21.81 -22.35
C THR A 26 9.16 -22.06 -21.15
N SER A 27 8.82 -23.02 -20.30
CA SER A 27 9.60 -23.30 -19.11
C SER A 27 10.95 -23.96 -19.44
N GLY A 28 11.07 -24.57 -20.61
CA GLY A 28 12.26 -25.33 -20.94
C GLY A 28 12.03 -26.83 -20.80
N TYR A 29 10.92 -27.21 -20.17
CA TYR A 29 10.59 -28.62 -19.95
C TYR A 29 9.73 -29.19 -21.06
N ASN A 30 9.28 -28.32 -21.97
CA ASN A 30 8.63 -28.77 -23.20
C ASN A 30 7.38 -29.65 -22.99
N ALA A 31 6.48 -29.25 -22.09
CA ALA A 31 5.19 -29.91 -21.98
C ALA A 31 4.49 -29.83 -23.34
N GLU A 32 3.80 -30.89 -23.76
CA GLU A 32 2.96 -30.79 -24.94
C GLU A 32 1.70 -29.99 -24.62
N VAL A 33 1.32 -29.11 -25.55
CA VAL A 33 0.11 -28.33 -25.42
C VAL A 33 -0.79 -28.60 -26.61
N SER A 34 -2.01 -29.06 -26.36
CA SER A 34 -2.95 -29.24 -27.46
C SER A 34 -4.28 -28.52 -27.23
N GLU A 35 -4.97 -28.23 -28.32
CA GLU A 35 -6.25 -27.53 -28.24
C GLU A 35 -7.33 -28.30 -28.98
N GLU A 36 -8.56 -28.15 -28.50
CA GLU A 36 -9.71 -28.79 -29.13
C GLU A 36 -10.87 -27.83 -29.02
N GLY A 37 -11.74 -27.85 -30.04
CA GLY A 37 -12.93 -27.02 -30.02
C GLY A 37 -12.62 -25.54 -30.11
N ASP A 38 -13.56 -24.72 -29.64
CA ASP A 38 -13.49 -23.28 -29.78
C ASP A 38 -12.56 -22.62 -28.74
N VAL A 39 -11.28 -22.54 -29.07
CA VAL A 39 -10.32 -21.81 -28.24
C VAL A 39 -9.89 -20.56 -28.99
N GLN A 40 -10.17 -19.39 -28.41
CA GLN A 40 -9.78 -18.13 -29.04
C GLN A 40 -8.52 -17.52 -28.44
N LEU A 41 -7.51 -17.29 -29.28
CA LEU A 41 -6.29 -16.62 -28.84
C LEU A 41 -6.34 -15.13 -29.14
N ASN A 42 -5.95 -14.32 -28.16
CA ASN A 42 -5.88 -12.87 -28.33
C ASN A 42 -4.53 -12.51 -28.91
N PRO A 43 -4.52 -11.82 -30.05
CA PRO A 43 -3.26 -11.42 -30.71
C PRO A 43 -2.57 -10.23 -30.02
N ILE A 44 -3.31 -9.52 -29.18
CA ILE A 44 -2.79 -8.36 -28.47
C ILE A 44 -2.57 -8.72 -27.01
N PHE A 45 -1.69 -7.98 -26.33
CA PHE A 45 -1.55 -8.12 -24.87
C PHE A 45 -2.94 -8.02 -24.22
N PRO A 46 -3.22 -8.87 -23.23
CA PRO A 46 -2.32 -9.80 -22.53
C PRO A 46 -2.14 -11.18 -23.17
N PHE A 47 -2.56 -11.38 -24.42
CA PHE A 47 -2.35 -12.66 -25.11
C PHE A 47 -3.11 -13.82 -24.46
N ASP A 48 -4.29 -13.51 -23.94
CA ASP A 48 -5.10 -14.51 -23.24
C ASP A 48 -5.65 -15.54 -24.21
N PHE A 49 -6.02 -16.71 -23.68
CA PHE A 49 -6.91 -17.58 -24.44
C PHE A 49 -8.28 -17.60 -23.82
N LYS A 50 -9.29 -17.86 -24.63
CA LYS A 50 -10.66 -17.75 -24.18
C LYS A 50 -11.43 -19.05 -24.44
N LEU A 51 -12.09 -19.55 -23.41
CA LEU A 51 -12.92 -20.74 -23.51
C LEU A 51 -14.39 -20.40 -23.23
N GLY A 52 -15.32 -21.19 -23.78
CA GLY A 52 -16.73 -21.05 -23.47
C GLY A 52 -17.26 -22.31 -22.79
N SER A 53 -18.45 -22.21 -22.20
CA SER A 53 -19.05 -23.34 -21.49
C SER A 53 -20.14 -24.05 -22.31
N SER A 54 -20.65 -23.35 -23.32
CA SER A 54 -21.79 -23.85 -24.10
C SER A 54 -21.32 -24.57 -25.36
N GLY A 55 -22.02 -25.65 -25.71
CA GLY A 55 -21.80 -26.30 -26.98
C GLY A 55 -20.91 -27.53 -26.88
N GLU A 56 -20.94 -28.37 -27.90
CA GLU A 56 -20.11 -29.56 -27.92
C GLU A 56 -18.73 -29.22 -28.49
N ASP A 57 -18.64 -28.10 -29.20
CA ASP A 57 -17.38 -27.61 -29.73
C ASP A 57 -16.72 -26.68 -28.72
N ARG A 58 -17.12 -26.87 -27.46
CA ARG A 58 -16.58 -26.18 -26.31
C ARG A 58 -15.06 -26.31 -26.28
N GLY A 59 -14.36 -25.19 -26.05
CA GLY A 59 -12.91 -25.16 -26.09
C GLY A 59 -12.22 -25.96 -25.01
N LYS A 60 -11.02 -26.44 -25.30
CA LYS A 60 -10.32 -27.31 -24.39
C LYS A 60 -8.82 -27.21 -24.65
N VAL A 61 -8.06 -26.82 -23.64
CA VAL A 61 -6.60 -26.80 -23.74
C VAL A 61 -6.02 -27.87 -22.84
N ILE A 62 -5.26 -28.77 -23.42
CA ILE A 62 -4.67 -29.89 -22.67
C ILE A 62 -3.15 -29.75 -22.60
N VAL A 63 -2.62 -29.74 -21.38
CA VAL A 63 -1.19 -29.64 -21.16
C VAL A 63 -0.71 -30.95 -20.55
N THR A 64 0.19 -31.62 -21.27
CA THR A 64 0.74 -32.89 -20.80
C THR A 64 2.21 -32.72 -20.48
N GLN A 65 2.54 -32.81 -19.19
CA GLN A 65 3.90 -32.57 -18.73
C GLN A 65 4.73 -33.82 -18.75
N ASN A 66 6.04 -33.63 -18.65
CA ASN A 66 7.00 -34.70 -18.45
C ASN A 66 6.83 -35.31 -17.05
N GLU A 67 6.53 -36.61 -17.01
CA GLU A 67 6.22 -37.31 -15.76
C GLU A 67 7.28 -37.12 -14.67
N ASN A 68 8.54 -37.04 -15.08
CA ASN A 68 9.63 -36.90 -14.13
C ASN A 68 9.59 -35.59 -13.35
N ILE A 69 9.35 -34.49 -14.05
CA ILE A 69 9.44 -33.16 -13.47
C ILE A 69 8.28 -32.88 -12.50
N VAL A 70 7.13 -33.49 -12.71
CA VAL A 70 6.03 -33.36 -11.76
C VAL A 70 6.32 -34.19 -10.51
N TYR A 71 6.80 -35.42 -10.74
CA TYR A 71 7.12 -36.34 -9.65
C TYR A 71 8.19 -35.79 -8.70
N ASN A 72 9.15 -35.06 -9.25
CA ASN A 72 10.22 -34.45 -8.45
C ASN A 72 9.75 -33.18 -7.73
N SER A 73 8.64 -32.59 -8.19
CA SER A 73 8.23 -31.28 -7.68
C SER A 73 7.04 -31.18 -6.74
N MET A 74 5.93 -31.82 -7.12
CA MET A 74 4.63 -31.60 -6.50
C MET A 74 4.40 -32.29 -5.16
N TYR A 75 5.22 -33.27 -4.81
CA TYR A 75 4.95 -34.05 -3.58
C TYR A 75 5.49 -33.37 -2.34
N GLU A 76 6.23 -32.28 -2.53
CA GLU A 76 6.76 -31.54 -1.40
C GLU A 76 6.13 -30.16 -1.32
N SER A 77 6.62 -29.25 -2.16
CA SER A 77 6.17 -27.87 -2.21
C SER A 77 6.03 -27.41 -3.66
N PHE A 78 4.96 -26.70 -3.96
CA PHE A 78 4.77 -26.12 -5.28
C PHE A 78 3.88 -24.88 -5.23
N SER A 79 3.86 -24.15 -6.34
CA SER A 79 3.03 -22.97 -6.51
C SER A 79 2.43 -22.96 -7.90
N ILE A 80 1.20 -22.50 -8.00
CA ILE A 80 0.51 -22.37 -9.26
C ILE A 80 0.05 -20.94 -9.36
N SER A 81 0.34 -20.29 -10.49
CA SER A 81 -0.11 -18.91 -10.68
C SER A 81 -0.66 -18.65 -12.08
N PHE A 82 -1.60 -17.73 -12.17
CA PHE A 82 -2.22 -17.45 -13.44
C PHE A 82 -3.16 -16.26 -13.33
N TRP A 83 -3.32 -15.57 -14.45
CA TRP A 83 -4.32 -14.54 -14.60
C TRP A 83 -5.57 -15.19 -15.14
N ILE A 84 -6.72 -14.81 -14.58
CA ILE A 84 -7.99 -15.36 -15.01
C ILE A 84 -9.06 -14.28 -15.01
N ARG A 85 -9.99 -14.40 -15.95
CA ARG A 85 -11.16 -13.55 -15.97
C ARG A 85 -12.37 -14.43 -16.25
N ILE A 86 -13.47 -14.19 -15.56
CA ILE A 86 -14.71 -14.93 -15.80
C ILE A 86 -15.88 -13.96 -16.04
N ASN A 87 -16.62 -14.19 -17.11
CA ASN A 87 -17.82 -13.41 -17.41
C ASN A 87 -18.94 -14.30 -17.88
N LYS A 88 -20.13 -14.16 -17.30
CA LYS A 88 -20.40 -13.21 -16.24
C LYS A 88 -20.45 -13.98 -14.91
N TRP A 89 -19.54 -13.65 -13.99
CA TRP A 89 -19.41 -14.42 -12.76
C TRP A 89 -20.44 -13.98 -11.71
N VAL A 90 -21.67 -14.47 -11.86
CA VAL A 90 -22.76 -14.07 -10.97
C VAL A 90 -22.74 -14.82 -9.65
N SER A 91 -23.38 -14.26 -8.63
CA SER A 91 -23.31 -14.77 -7.27
C SER A 91 -23.92 -16.15 -7.10
N ASN A 92 -24.84 -16.52 -7.98
CA ASN A 92 -25.44 -17.86 -7.91
C ASN A 92 -24.98 -18.80 -9.03
N LEU A 93 -23.74 -18.60 -9.49
CA LEU A 93 -23.21 -19.42 -10.56
C LEU A 93 -23.26 -20.89 -10.16
N PRO A 94 -23.69 -21.76 -11.08
CA PRO A 94 -23.58 -23.19 -10.77
C PRO A 94 -22.12 -23.62 -10.73
N GLY A 95 -21.87 -24.85 -10.30
CA GLY A 95 -20.53 -25.40 -10.19
C GLY A 95 -19.93 -25.74 -11.54
N TYR A 96 -18.67 -25.31 -11.73
CA TYR A 96 -17.90 -25.67 -12.92
C TYR A 96 -16.47 -25.98 -12.49
N THR A 97 -15.96 -27.10 -12.97
CA THR A 97 -14.52 -27.34 -12.92
C THR A 97 -13.95 -26.55 -14.08
N ILE A 98 -12.85 -25.83 -13.86
CA ILE A 98 -12.27 -25.01 -14.93
C ILE A 98 -10.83 -25.38 -15.29
N ILE A 99 -10.03 -25.72 -14.30
CA ILE A 99 -8.67 -26.17 -14.58
C ILE A 99 -8.45 -27.47 -13.80
N ASP A 100 -8.31 -28.57 -14.53
CA ASP A 100 -8.37 -29.88 -13.88
C ASP A 100 -7.12 -30.70 -14.08
N SER A 101 -6.57 -31.20 -12.98
CA SER A 101 -5.44 -32.11 -13.02
C SER A 101 -5.69 -33.28 -12.06
N VAL A 102 -6.84 -33.93 -12.26
CA VAL A 102 -7.21 -35.12 -11.51
C VAL A 102 -7.21 -36.33 -12.44
N LYS A 103 -6.55 -37.39 -11.99
CA LYS A 103 -6.60 -38.65 -12.72
C LYS A 103 -6.75 -39.82 -11.74
N ASN A 104 -7.64 -40.76 -12.05
CA ASN A 104 -7.93 -41.86 -11.13
C ASN A 104 -8.18 -41.35 -9.72
N ASN A 105 -9.07 -40.36 -9.62
CA ASN A 105 -9.53 -39.85 -8.32
C ASN A 105 -8.46 -39.26 -7.42
N SER A 106 -7.39 -38.75 -8.02
CA SER A 106 -6.36 -38.06 -7.26
C SER A 106 -5.71 -36.98 -8.13
N GLY A 107 -5.17 -35.96 -7.48
CA GLY A 107 -4.50 -34.86 -8.16
C GLY A 107 -4.92 -33.52 -7.56
N TRP A 108 -5.10 -32.51 -8.40
CA TRP A 108 -5.64 -31.24 -7.94
C TRP A 108 -6.55 -30.68 -9.00
N SER A 109 -7.32 -29.69 -8.61
CA SER A 109 -8.33 -29.15 -9.50
C SER A 109 -8.76 -27.77 -9.04
N ILE A 110 -9.22 -26.95 -9.97
CA ILE A 110 -9.72 -25.63 -9.67
C ILE A 110 -11.10 -25.50 -10.26
N GLY A 111 -12.04 -24.97 -9.46
CA GLY A 111 -13.41 -24.90 -9.89
C GLY A 111 -13.99 -23.58 -9.42
N ILE A 112 -15.14 -23.21 -9.98
CA ILE A 112 -15.90 -22.06 -9.49
C ILE A 112 -17.33 -22.48 -9.22
N ILE A 113 -17.92 -21.87 -8.18
CA ILE A 113 -19.31 -22.15 -7.80
C ILE A 113 -19.78 -20.96 -6.99
N SER A 114 -21.02 -20.50 -7.21
CA SER A 114 -21.48 -19.26 -6.59
C SER A 114 -20.40 -18.20 -6.76
N ASN A 115 -20.06 -17.50 -5.68
CA ASN A 115 -19.04 -16.47 -5.70
C ASN A 115 -17.67 -17.01 -5.23
N PHE A 116 -17.46 -18.32 -5.38
CA PHE A 116 -16.23 -18.95 -4.92
C PHE A 116 -15.35 -19.45 -6.07
N LEU A 117 -14.05 -19.20 -5.98
CA LEU A 117 -13.07 -19.94 -6.79
C LEU A 117 -12.35 -20.89 -5.85
N VAL A 118 -12.32 -22.17 -6.20
CA VAL A 118 -11.84 -23.19 -5.28
C VAL A 118 -10.64 -23.97 -5.81
N PHE A 119 -9.63 -24.12 -4.96
CA PHE A 119 -8.52 -25.01 -5.26
C PHE A 119 -8.58 -26.24 -4.35
N THR A 120 -8.51 -27.42 -4.95
CA THR A 120 -8.67 -28.66 -4.21
C THR A 120 -7.52 -29.62 -4.49
N LEU A 121 -6.93 -30.15 -3.42
CA LEU A 121 -6.11 -31.36 -3.48
C LEU A 121 -7.01 -32.57 -3.32
N LYS A 122 -7.07 -33.44 -4.32
CA LYS A 122 -7.86 -34.66 -4.19
C LYS A 122 -6.95 -35.82 -3.80
N GLN A 123 -7.04 -36.26 -2.55
CA GLN A 123 -6.23 -37.38 -2.09
C GLN A 123 -6.71 -38.67 -2.76
N ASN A 124 -8.02 -38.86 -2.70
CA ASN A 124 -8.64 -40.03 -3.29
C ASN A 124 -10.13 -39.80 -3.47
N GLU A 125 -10.82 -40.88 -3.82
CA GLU A 125 -12.24 -40.83 -4.11
C GLU A 125 -13.09 -40.28 -2.96
N ASP A 126 -12.60 -40.42 -1.73
CA ASP A 126 -13.39 -40.06 -0.57
C ASP A 126 -12.77 -38.97 0.29
N SER A 127 -11.62 -38.47 -0.14
CA SER A 127 -10.89 -37.50 0.67
C SER A 127 -10.37 -36.31 -0.15
N GLU A 128 -10.63 -35.09 0.35
CA GLU A 128 -10.11 -33.91 -0.31
C GLU A 128 -9.65 -32.87 0.71
N GLN A 129 -8.93 -31.85 0.24
CA GLN A 129 -8.70 -30.65 1.03
C GLN A 129 -8.72 -29.42 0.13
N SER A 130 -9.63 -28.50 0.44
CA SER A 130 -9.85 -27.35 -0.41
C SER A 130 -9.61 -26.02 0.29
N ILE A 131 -9.32 -24.99 -0.50
CA ILE A 131 -9.30 -23.61 -0.03
C ILE A 131 -9.96 -22.76 -1.10
N ASN A 132 -10.30 -21.53 -0.77
CA ASN A 132 -11.04 -20.75 -1.73
C ASN A 132 -10.87 -19.25 -1.58
N PHE A 133 -11.26 -18.57 -2.65
CA PHE A 133 -11.44 -17.14 -2.65
C PHE A 133 -12.92 -16.92 -2.89
N SER A 134 -13.52 -16.04 -2.09
CA SER A 134 -14.92 -15.65 -2.32
C SER A 134 -14.96 -14.15 -2.51
N TYR A 135 -15.62 -13.70 -3.58
CA TYR A 135 -15.64 -12.28 -3.86
C TYR A 135 -16.80 -11.62 -3.10
N ASP A 136 -16.71 -10.30 -2.93
CA ASP A 136 -17.70 -9.55 -2.17
C ASP A 136 -18.94 -9.33 -3.02
N ILE A 137 -20.00 -10.06 -2.69
CA ILE A 137 -21.23 -10.01 -3.47
C ILE A 137 -21.85 -8.61 -3.47
N SER A 138 -21.85 -7.95 -2.32
CA SER A 138 -22.52 -6.66 -2.21
C SER A 138 -21.81 -5.60 -3.05
N ASN A 139 -20.52 -5.79 -3.30
CA ASN A 139 -19.77 -4.86 -4.15
C ASN A 139 -19.69 -5.26 -5.62
N ASN A 140 -20.36 -6.34 -5.98
CA ASN A 140 -20.29 -6.86 -7.35
C ASN A 140 -21.59 -7.44 -7.86
N ALA A 141 -22.66 -6.65 -7.78
CA ALA A 141 -23.98 -7.10 -8.22
C ALA A 141 -23.99 -7.59 -9.67
N PRO A 142 -23.29 -6.86 -10.57
CA PRO A 142 -23.22 -7.26 -11.99
C PRO A 142 -22.33 -8.46 -12.27
N GLY A 143 -21.68 -9.03 -11.25
CA GLY A 143 -20.78 -10.15 -11.46
C GLY A 143 -19.34 -9.74 -11.21
N TYR A 144 -18.52 -10.66 -10.71
CA TYR A 144 -17.10 -10.35 -10.53
C TYR A 144 -16.39 -10.61 -11.87
N ASN A 145 -16.59 -9.71 -12.81
CA ASN A 145 -16.18 -9.97 -14.19
C ASN A 145 -14.82 -9.39 -14.55
N LYS A 146 -13.97 -9.23 -13.55
CA LYS A 146 -12.69 -8.59 -13.77
C LYS A 146 -11.52 -9.59 -13.77
N TRP A 147 -10.43 -9.22 -14.44
CA TRP A 147 -9.18 -9.97 -14.38
C TRP A 147 -8.67 -10.01 -12.95
N PHE A 148 -8.21 -11.18 -12.51
CA PHE A 148 -7.48 -11.23 -11.25
C PHE A 148 -6.34 -12.24 -11.32
N PHE A 149 -5.33 -12.04 -10.48
CA PHE A 149 -4.16 -12.91 -10.46
C PHE A 149 -4.26 -13.88 -9.28
N VAL A 150 -4.35 -15.15 -9.59
CA VAL A 150 -4.40 -16.21 -8.60
C VAL A 150 -3.02 -16.77 -8.36
N THR A 151 -2.70 -17.05 -7.10
CA THR A 151 -1.51 -17.83 -6.78
C THR A 151 -1.86 -18.80 -5.67
N VAL A 152 -1.68 -20.08 -5.94
CA VAL A 152 -1.85 -21.10 -4.92
C VAL A 152 -0.46 -21.64 -4.55
N THR A 153 -0.18 -21.76 -3.26
CA THR A 153 1.04 -22.43 -2.84
C THR A 153 0.70 -23.57 -1.90
N ASN A 154 1.44 -24.66 -2.07
CA ASN A 154 1.24 -25.84 -1.23
C ASN A 154 2.55 -26.38 -0.68
N ASN A 155 2.51 -26.75 0.60
CA ASN A 155 3.62 -27.43 1.25
C ASN A 155 3.06 -28.56 2.13
N MET A 156 3.41 -29.80 1.78
CA MET A 156 2.88 -30.97 2.48
C MET A 156 3.24 -30.96 3.97
N MET A 157 4.40 -30.41 4.30
CA MET A 157 4.81 -30.26 5.69
C MET A 157 4.37 -28.93 6.27
N GLY A 158 3.47 -28.24 5.58
CA GLY A 158 3.07 -26.92 6.03
C GLY A 158 1.65 -26.54 5.67
N ASN A 159 1.52 -25.40 4.98
CA ASN A 159 0.21 -24.90 4.63
C ASN A 159 -0.12 -24.89 3.15
N MET A 160 -1.41 -24.82 2.89
CA MET A 160 -1.97 -24.63 1.57
C MET A 160 -2.50 -23.20 1.62
N LYS A 161 -2.13 -22.38 0.64
CA LYS A 161 -2.49 -20.97 0.67
C LYS A 161 -2.99 -20.51 -0.69
N ILE A 162 -3.90 -19.53 -0.67
CA ILE A 162 -4.34 -18.92 -1.91
C ILE A 162 -4.24 -17.41 -1.80
N TYR A 163 -3.70 -16.79 -2.86
CA TYR A 163 -3.54 -15.35 -2.94
C TYR A 163 -4.33 -14.82 -4.13
N ILE A 164 -4.82 -13.60 -4.00
CA ILE A 164 -5.52 -12.93 -5.09
C ILE A 164 -4.83 -11.59 -5.21
N ASN A 165 -4.29 -11.31 -6.39
CA ASN A 165 -3.56 -10.06 -6.63
C ASN A 165 -2.51 -9.81 -5.57
N GLY A 166 -1.77 -10.86 -5.22
CA GLY A 166 -0.65 -10.72 -4.31
C GLY A 166 -0.99 -10.67 -2.83
N LYS A 167 -2.28 -10.77 -2.51
CA LYS A 167 -2.72 -10.76 -1.11
C LYS A 167 -3.15 -12.14 -0.65
N LEU A 168 -2.67 -12.54 0.53
CA LEU A 168 -3.10 -13.80 1.11
C LEU A 168 -4.56 -13.71 1.55
N ILE A 169 -5.36 -14.69 1.13
CA ILE A 169 -6.82 -14.69 1.28
C ILE A 169 -7.29 -15.86 2.14
N ASP A 170 -6.59 -16.98 2.06
CA ASP A 170 -6.99 -18.17 2.80
C ASP A 170 -5.76 -19.05 3.02
N THR A 171 -5.70 -19.69 4.18
CA THR A 171 -4.58 -20.53 4.53
C THR A 171 -5.09 -21.59 5.47
N ILE A 172 -4.69 -22.84 5.24
CA ILE A 172 -5.01 -23.94 6.13
C ILE A 172 -3.87 -24.95 6.18
N LYS A 173 -3.69 -25.59 7.33
CA LYS A 173 -2.65 -26.60 7.47
C LYS A 173 -3.01 -27.78 6.58
N VAL A 174 -2.01 -28.30 5.86
CA VAL A 174 -2.25 -29.45 5.00
C VAL A 174 -2.37 -30.73 5.85
N LYS A 175 -3.47 -31.44 5.70
CA LYS A 175 -3.65 -32.69 6.43
C LYS A 175 -2.81 -33.77 5.76
N GLU A 176 -2.66 -34.92 6.40
CA GLU A 176 -1.90 -36.00 5.77
C GLU A 176 -2.65 -36.52 4.54
N LEU A 177 -1.96 -36.60 3.42
CA LEU A 177 -2.60 -36.98 2.17
C LEU A 177 -1.92 -38.19 1.57
N THR A 178 -1.69 -39.19 2.41
CA THR A 178 -1.02 -40.42 2.03
C THR A 178 -1.65 -41.06 0.79
N GLY A 179 -0.85 -41.26 -0.25
CA GLY A 179 -1.34 -41.91 -1.46
C GLY A 179 -1.86 -40.96 -2.52
N ILE A 180 -1.79 -39.66 -2.25
CA ILE A 180 -2.15 -38.71 -3.30
C ILE A 180 -1.22 -38.96 -4.50
N ASN A 181 -1.80 -39.02 -5.69
CA ASN A 181 -1.00 -39.18 -6.90
C ASN A 181 -1.25 -38.02 -7.87
N PHE A 182 -0.21 -37.24 -8.15
CA PHE A 182 -0.37 -36.09 -9.04
C PHE A 182 -0.32 -36.47 -10.52
N SER A 183 -1.22 -35.87 -11.30
CA SER A 183 -1.35 -36.13 -12.73
C SER A 183 -0.37 -35.26 -13.53
N LYS A 184 0.06 -35.76 -14.68
CA LYS A 184 0.94 -34.98 -15.54
C LYS A 184 0.13 -34.19 -16.57
N THR A 185 -1.19 -34.37 -16.51
CA THR A 185 -2.08 -33.70 -17.45
C THR A 185 -2.91 -32.64 -16.75
N ILE A 186 -2.91 -31.44 -17.32
CA ILE A 186 -3.77 -30.35 -16.87
C ILE A 186 -4.73 -30.00 -17.99
N THR A 187 -6.02 -29.92 -17.68
CA THR A 187 -7.03 -29.65 -18.71
C THR A 187 -7.83 -28.39 -18.40
N PHE A 188 -7.69 -27.40 -19.28
CA PHE A 188 -8.48 -26.19 -19.21
C PHE A 188 -9.73 -26.41 -20.02
N GLU A 189 -10.87 -26.49 -19.33
CA GLU A 189 -12.16 -26.67 -19.95
C GLU A 189 -13.24 -26.29 -18.94
N ILE A 190 -14.26 -25.55 -19.38
CA ILE A 190 -15.34 -25.18 -18.47
C ILE A 190 -16.39 -26.30 -18.44
N ASN A 191 -16.33 -27.13 -17.41
CA ASN A 191 -17.14 -28.34 -17.31
C ASN A 191 -18.14 -28.25 -16.17
N LYS A 192 -19.41 -28.05 -16.55
CA LYS A 192 -20.48 -27.98 -15.59
C LYS A 192 -20.48 -29.23 -14.74
N ILE A 193 -20.67 -29.05 -13.45
CA ILE A 193 -20.90 -30.16 -12.55
C ILE A 193 -22.41 -30.41 -12.46
N PRO A 194 -22.85 -31.61 -12.85
CA PRO A 194 -24.27 -31.96 -13.09
C PRO A 194 -25.15 -31.90 -11.84
N ASP A 195 -24.73 -32.60 -10.79
CA ASP A 195 -25.52 -32.73 -9.56
C ASP A 195 -25.37 -31.54 -8.62
N THR A 196 -25.69 -30.34 -9.10
CA THR A 196 -25.64 -29.17 -8.24
C THR A 196 -27.03 -28.88 -7.65
N SER A 203 -28.32 -23.04 -17.99
CA SER A 203 -28.16 -21.62 -17.67
C SER A 203 -27.31 -20.90 -18.73
N ASP A 204 -26.92 -19.66 -18.47
CA ASP A 204 -26.21 -18.86 -19.46
C ASP A 204 -24.80 -19.39 -19.73
N ASN A 205 -24.32 -19.20 -20.95
CA ASN A 205 -22.91 -19.44 -21.25
C ASN A 205 -22.05 -18.53 -20.39
N ILE A 206 -20.93 -19.04 -19.91
CA ILE A 206 -19.90 -18.17 -19.35
C ILE A 206 -18.63 -18.29 -20.16
N ASN A 207 -17.81 -17.25 -20.12
CA ASN A 207 -16.48 -17.31 -20.70
C ASN A 207 -15.43 -17.25 -19.62
N MET A 208 -14.31 -17.91 -19.88
CA MET A 208 -13.14 -17.81 -19.03
C MET A 208 -11.96 -17.38 -19.91
N TRP A 209 -11.21 -16.38 -19.48
CA TRP A 209 -9.97 -16.02 -20.14
C TRP A 209 -8.81 -16.39 -19.22
N ILE A 210 -7.76 -16.95 -19.82
CA ILE A 210 -6.56 -17.34 -19.09
C ILE A 210 -5.28 -16.81 -19.78
N ARG A 211 -4.35 -16.28 -18.99
CA ARG A 211 -3.00 -16.01 -19.52
C ARG A 211 -1.93 -16.21 -18.47
N ASP A 212 -0.73 -16.58 -18.92
CA ASP A 212 0.44 -16.83 -18.06
C ASP A 212 0.16 -17.79 -16.90
N PHE A 213 -0.06 -19.06 -17.25
CA PHE A 213 -0.31 -20.08 -16.24
C PHE A 213 1.01 -20.77 -15.96
N TYR A 214 1.54 -20.52 -14.77
CA TYR A 214 2.84 -21.04 -14.39
C TYR A 214 2.71 -22.04 -13.24
N ILE A 215 3.62 -23.00 -13.20
CA ILE A 215 3.81 -23.81 -12.00
C ILE A 215 5.27 -23.72 -11.59
N PHE A 216 5.52 -23.61 -10.28
CA PHE A 216 6.85 -23.57 -9.70
C PHE A 216 7.02 -24.87 -8.89
N ALA A 217 8.26 -25.27 -8.68
CA ALA A 217 8.60 -26.45 -7.88
C ALA A 217 8.99 -26.04 -6.47
N LYS A 218 8.47 -24.92 -6.02
CA LYS A 218 8.66 -24.52 -4.63
C LYS A 218 7.50 -23.67 -4.17
N GLU A 219 7.47 -23.43 -2.87
CA GLU A 219 6.48 -22.60 -2.24
C GLU A 219 6.96 -21.15 -2.28
N LEU A 220 6.31 -20.32 -3.08
CA LEU A 220 6.69 -18.91 -3.18
C LEU A 220 6.16 -18.15 -1.97
N ASP A 221 6.97 -17.28 -1.39
CA ASP A 221 6.47 -16.42 -0.30
C ASP A 221 5.76 -15.20 -0.86
N GLY A 222 5.14 -14.41 0.02
CA GLY A 222 4.35 -13.27 -0.41
C GLY A 222 5.15 -12.25 -1.20
N LYS A 223 6.40 -12.06 -0.81
CA LYS A 223 7.23 -11.07 -1.48
C LYS A 223 7.47 -11.45 -2.95
N ASP A 224 7.82 -12.71 -3.18
CA ASP A 224 8.07 -13.20 -4.53
C ASP A 224 6.78 -13.25 -5.32
N ILE A 225 5.69 -13.63 -4.67
CA ILE A 225 4.41 -13.64 -5.36
C ILE A 225 4.09 -12.24 -5.87
N ASN A 226 4.35 -11.23 -5.05
CA ASN A 226 4.09 -9.86 -5.50
C ASN A 226 5.04 -9.37 -6.58
N ILE A 227 6.30 -9.79 -6.52
CA ILE A 227 7.24 -9.43 -7.58
C ILE A 227 6.74 -10.05 -8.88
N LEU A 228 6.29 -11.30 -8.80
CA LEU A 228 5.76 -11.99 -9.96
C LEU A 228 4.50 -11.28 -10.47
N PHE A 229 3.59 -10.98 -9.55
CA PHE A 229 2.36 -10.27 -9.86
C PHE A 229 2.69 -9.05 -10.72
N ASN A 230 3.56 -8.20 -10.20
CA ASN A 230 3.90 -6.96 -10.87
C ASN A 230 4.66 -7.14 -12.16
N SER A 231 5.41 -8.23 -12.28
CA SER A 231 6.20 -8.45 -13.48
C SER A 231 5.29 -8.81 -14.64
N LEU A 232 4.02 -9.11 -14.35
CA LEU A 232 3.12 -9.55 -15.40
C LEU A 232 2.13 -8.47 -15.81
N GLN A 233 2.37 -7.24 -15.37
CA GLN A 233 1.48 -6.12 -15.66
C GLN A 233 2.25 -4.88 -16.08
N TYR A 234 1.61 -4.03 -16.86
CA TYR A 234 2.06 -2.65 -17.05
C TYR A 234 1.27 -1.77 -16.07
N THR A 235 1.89 -1.42 -14.95
CA THR A 235 1.17 -0.75 -13.88
C THR A 235 0.86 0.72 -14.19
N ASN A 236 1.48 1.28 -15.23
CA ASN A 236 1.15 2.66 -15.56
C ASN A 236 0.09 2.78 -16.64
N VAL A 237 -0.30 1.64 -17.21
CA VAL A 237 -1.45 1.61 -18.10
C VAL A 237 -2.71 1.49 -17.25
N VAL A 238 -3.51 2.55 -17.26
CA VAL A 238 -4.75 2.57 -16.49
C VAL A 238 -5.69 1.50 -17.04
N LYS A 239 -6.44 0.86 -16.14
CA LYS A 239 -7.35 -0.22 -16.52
C LYS A 239 -8.82 0.21 -16.46
N ASP A 240 -9.64 -0.40 -17.31
CA ASP A 240 -11.08 -0.30 -17.18
C ASP A 240 -11.56 -1.20 -16.04
N TYR A 241 -12.86 -1.13 -15.74
CA TYR A 241 -13.41 -1.76 -14.55
C TYR A 241 -13.16 -3.25 -14.51
N TRP A 242 -12.97 -3.85 -15.68
CA TRP A 242 -12.80 -5.31 -15.75
C TRP A 242 -11.33 -5.69 -15.85
N GLY A 243 -10.45 -4.69 -15.85
CA GLY A 243 -9.02 -4.94 -15.80
C GLY A 243 -8.34 -4.89 -17.16
N ASN A 244 -9.09 -4.59 -18.20
CA ASN A 244 -8.52 -4.45 -19.54
C ASN A 244 -7.99 -3.03 -19.73
N ASP A 245 -7.09 -2.84 -20.69
CA ASP A 245 -6.47 -1.54 -20.86
C ASP A 245 -7.52 -0.46 -21.08
N LEU A 246 -7.41 0.65 -20.37
CA LEU A 246 -8.30 1.77 -20.58
C LEU A 246 -7.92 2.43 -21.92
N ARG A 247 -8.93 2.86 -22.69
CA ARG A 247 -8.72 3.38 -24.04
C ARG A 247 -9.30 4.79 -24.24
N TYR A 248 -8.65 5.58 -25.08
CA TYR A 248 -9.24 6.86 -25.51
C TYR A 248 -10.29 6.60 -26.59
N ASN A 249 -11.16 7.58 -26.81
CA ASN A 249 -12.11 7.54 -27.91
C ASN A 249 -13.07 6.37 -27.81
N LYS A 250 -13.32 5.91 -26.59
CA LYS A 250 -14.20 4.77 -26.37
C LYS A 250 -15.20 5.09 -25.28
N GLU A 251 -16.45 4.67 -25.47
CA GLU A 251 -17.50 4.98 -24.52
C GLU A 251 -17.35 4.17 -23.24
N TYR A 252 -17.45 4.84 -22.09
CA TYR A 252 -17.53 4.15 -20.80
C TYR A 252 -18.67 4.69 -19.96
N TYR A 253 -19.18 3.87 -19.06
CA TYR A 253 -19.95 4.36 -17.93
C TYR A 253 -18.96 4.67 -16.81
N MET A 254 -18.94 5.92 -16.38
CA MET A 254 -18.01 6.35 -15.36
C MET A 254 -18.65 6.20 -13.99
N VAL A 255 -17.98 5.44 -13.12
CA VAL A 255 -18.53 5.19 -11.78
C VAL A 255 -17.57 5.61 -10.68
N ASN A 256 -18.13 6.00 -9.56
CA ASN A 256 -17.36 6.28 -8.37
C ASN A 256 -17.39 5.05 -7.49
N ILE A 257 -16.23 4.66 -6.96
CA ILE A 257 -16.13 3.44 -6.17
C ILE A 257 -17.03 3.47 -4.93
N ASP A 258 -17.21 4.66 -4.36
CA ASP A 258 -18.08 4.80 -3.18
C ASP A 258 -19.56 4.60 -3.54
N TYR A 259 -19.90 4.75 -4.82
CA TYR A 259 -21.30 4.80 -5.23
C TYR A 259 -21.51 3.97 -6.47
N LEU A 260 -21.26 2.67 -6.38
CA LEU A 260 -21.41 1.79 -7.55
C LEU A 260 -22.86 1.58 -7.95
N ASN A 261 -23.78 1.83 -7.04
CA ASN A 261 -25.21 1.69 -7.32
C ASN A 261 -25.82 2.98 -7.87
N ARG A 262 -24.96 3.89 -8.33
CA ARG A 262 -25.38 5.14 -8.94
C ARG A 262 -24.90 5.20 -10.38
N TYR A 263 -25.76 5.64 -11.29
CA TYR A 263 -25.35 5.90 -12.65
C TYR A 263 -25.25 7.40 -12.85
N MET A 264 -24.59 7.80 -13.93
CA MET A 264 -24.28 9.19 -14.18
C MET A 264 -25.37 9.82 -15.05
N TYR A 265 -25.90 10.95 -14.59
CA TYR A 265 -26.91 11.65 -15.35
C TYR A 265 -26.56 13.13 -15.45
N ALA A 266 -27.44 13.91 -16.06
CA ALA A 266 -27.21 15.34 -16.16
C ALA A 266 -28.54 16.06 -16.03
N ASN A 267 -28.49 17.24 -15.44
CA ASN A 267 -29.68 18.03 -15.19
C ASN A 267 -29.27 19.49 -15.22
N SER A 268 -29.70 20.19 -16.27
CA SER A 268 -29.39 21.61 -16.43
C SER A 268 -27.88 21.81 -16.42
N ARG A 269 -27.17 20.97 -17.18
CA ARG A 269 -25.73 21.11 -17.36
C ARG A 269 -24.96 20.79 -16.09
N GLN A 270 -25.65 20.26 -15.09
CA GLN A 270 -25.01 19.76 -13.89
C GLN A 270 -25.06 18.24 -13.92
N ILE A 271 -23.91 17.59 -13.77
CA ILE A 271 -23.89 16.14 -13.67
C ILE A 271 -24.37 15.72 -12.30
N VAL A 272 -25.25 14.73 -12.27
CA VAL A 272 -25.78 14.24 -11.00
C VAL A 272 -25.77 12.73 -11.04
N PHE A 273 -25.77 12.11 -9.88
CA PHE A 273 -25.76 10.66 -9.79
C PHE A 273 -27.11 10.15 -9.29
N ASN A 274 -27.73 9.27 -10.07
CA ASN A 274 -29.02 8.68 -9.72
C ASN A 274 -28.89 7.22 -9.34
N THR A 275 -29.82 6.74 -8.52
CA THR A 275 -29.84 5.33 -8.14
C THR A 275 -30.22 4.43 -9.33
N ARG A 276 -29.47 3.35 -9.51
CA ARG A 276 -29.71 2.42 -10.61
C ARG A 276 -31.01 1.68 -10.36
N ARG A 277 -31.75 1.42 -11.43
CA ARG A 277 -32.93 0.57 -11.39
C ARG A 277 -32.51 -0.88 -11.63
N ASN A 278 -31.54 -1.05 -12.53
CA ASN A 278 -31.02 -2.35 -12.92
C ASN A 278 -29.73 -2.63 -12.17
N ASN A 279 -29.86 -3.22 -10.99
CA ASN A 279 -28.72 -3.36 -10.09
C ASN A 279 -27.73 -4.44 -10.54
N ASN A 280 -28.18 -5.35 -11.39
CA ASN A 280 -27.33 -6.44 -11.84
C ASN A 280 -26.61 -6.13 -13.15
N ASP A 281 -26.68 -4.88 -13.60
CA ASP A 281 -26.04 -4.48 -14.86
C ASP A 281 -25.45 -3.08 -14.74
N PHE A 282 -24.60 -2.73 -15.71
CA PHE A 282 -24.21 -1.34 -15.93
C PHE A 282 -24.80 -0.91 -17.26
N ASN A 283 -26.01 -0.36 -17.24
CA ASN A 283 -26.69 -0.04 -18.49
C ASN A 283 -27.64 1.14 -18.38
N GLU A 284 -27.37 2.04 -17.45
CA GLU A 284 -28.22 3.21 -17.28
C GLU A 284 -27.39 4.47 -17.34
N GLY A 285 -28.03 5.56 -17.76
CA GLY A 285 -27.40 6.86 -17.72
C GLY A 285 -26.53 7.15 -18.92
N TYR A 286 -25.81 8.27 -18.82
CA TYR A 286 -24.98 8.75 -19.91
C TYR A 286 -23.57 8.19 -19.83
N LYS A 287 -22.88 8.23 -20.96
CA LYS A 287 -21.55 7.65 -21.09
C LYS A 287 -20.55 8.76 -21.33
N ILE A 288 -19.30 8.54 -20.94
CA ILE A 288 -18.25 9.49 -21.27
C ILE A 288 -17.26 8.88 -22.25
N ILE A 289 -16.59 9.72 -23.00
CA ILE A 289 -15.50 9.30 -23.85
C ILE A 289 -14.29 10.08 -23.39
N ILE A 290 -13.15 9.40 -23.28
CA ILE A 290 -11.93 10.06 -22.83
C ILE A 290 -11.12 10.55 -24.04
N LYS A 291 -10.68 11.81 -23.98
CA LYS A 291 -9.94 12.43 -25.08
C LYS A 291 -8.53 12.82 -24.65
N ARG A 292 -7.53 12.36 -25.41
CA ARG A 292 -6.14 12.63 -25.06
C ARG A 292 -5.68 14.05 -25.42
N ILE A 293 -5.00 14.71 -24.49
CA ILE A 293 -4.31 15.97 -24.77
C ILE A 293 -2.83 15.67 -24.89
N ARG A 294 -2.28 14.92 -23.92
CA ARG A 294 -0.88 14.50 -23.98
C ARG A 294 -0.71 13.09 -23.45
N GLY A 295 -0.06 12.26 -24.26
CA GLY A 295 0.25 10.88 -23.90
C GLY A 295 1.02 10.19 -25.01
N ASN A 296 1.11 8.87 -24.93
CA ASN A 296 1.82 8.08 -25.92
C ASN A 296 1.00 7.98 -27.21
N THR A 297 1.49 8.58 -28.28
CA THR A 297 0.73 8.60 -29.52
C THR A 297 0.77 7.30 -30.31
N ASN A 298 1.61 6.35 -29.89
CA ASN A 298 1.70 5.06 -30.55
C ASN A 298 0.42 4.23 -30.46
N ASP A 299 -0.40 4.49 -29.44
CA ASP A 299 -1.65 3.76 -29.30
C ASP A 299 -2.72 4.64 -28.66
N THR A 300 -3.88 4.04 -28.42
CA THR A 300 -4.99 4.75 -27.80
C THR A 300 -5.16 4.31 -26.33
N ARG A 301 -4.13 3.70 -25.74
CA ARG A 301 -4.20 3.34 -24.33
C ARG A 301 -3.99 4.56 -23.43
N VAL A 302 -4.70 4.57 -22.31
CA VAL A 302 -4.56 5.64 -21.32
C VAL A 302 -3.50 5.29 -20.26
N ARG A 303 -2.58 6.22 -20.02
CA ARG A 303 -1.48 5.97 -19.09
C ARG A 303 -1.45 7.00 -17.99
N GLY A 304 -0.93 6.61 -16.83
CA GLY A 304 -0.73 7.54 -15.74
C GLY A 304 0.12 8.72 -16.17
N GLY A 305 -0.29 9.91 -15.77
CA GLY A 305 0.44 11.11 -16.13
C GLY A 305 -0.09 11.72 -17.41
N ASP A 306 -0.90 10.99 -18.16
CA ASP A 306 -1.54 11.55 -19.36
C ASP A 306 -2.45 12.74 -19.03
N ILE A 307 -2.43 13.73 -19.90
CA ILE A 307 -3.31 14.89 -19.82
C ILE A 307 -4.49 14.64 -20.77
N LEU A 308 -5.70 14.97 -20.32
CA LEU A 308 -6.89 14.58 -21.06
C LEU A 308 -8.13 15.40 -20.67
N TYR A 309 -9.23 15.16 -21.36
CA TYR A 309 -10.51 15.77 -20.98
C TYR A 309 -11.60 14.74 -21.28
N PHE A 310 -12.82 15.03 -20.84
CA PHE A 310 -13.92 14.08 -20.99
C PHE A 310 -15.06 14.69 -21.80
N ASP A 311 -15.61 13.90 -22.70
CA ASP A 311 -16.78 14.28 -23.48
C ASP A 311 -17.97 13.48 -23.00
N MET A 312 -19.13 14.12 -22.95
CA MET A 312 -20.37 13.39 -22.76
C MET A 312 -21.37 13.83 -23.83
N THR A 313 -21.98 12.86 -24.50
CA THR A 313 -23.00 13.16 -25.49
C THR A 313 -24.43 12.97 -24.96
N ILE A 314 -25.24 14.00 -25.15
CA ILE A 314 -26.65 13.95 -24.78
C ILE A 314 -27.50 14.44 -25.94
N ASN A 315 -28.44 13.60 -26.37
CA ASN A 315 -29.28 13.92 -27.52
C ASN A 315 -28.46 14.39 -28.71
N ASN A 316 -27.50 13.56 -29.11
CA ASN A 316 -26.68 13.84 -30.28
C ASN A 316 -25.81 15.09 -30.18
N LYS A 317 -25.78 15.70 -29.00
CA LYS A 317 -24.97 16.88 -28.78
C LYS A 317 -23.85 16.58 -27.78
N ALA A 318 -22.63 16.93 -28.15
CA ALA A 318 -21.45 16.59 -27.35
C ALA A 318 -21.00 17.74 -26.44
N TYR A 319 -20.77 17.41 -25.16
CA TYR A 319 -20.30 18.39 -24.18
C TYR A 319 -18.96 17.95 -23.58
N ASN A 320 -18.23 18.92 -23.04
CA ASN A 320 -17.08 18.65 -22.19
C ASN A 320 -17.48 18.71 -20.73
N LEU A 321 -17.00 17.76 -19.94
CA LEU A 321 -17.02 17.90 -18.50
C LEU A 321 -16.09 19.06 -18.17
N PHE A 322 -16.45 19.87 -17.18
CA PHE A 322 -15.57 20.98 -16.79
C PHE A 322 -15.78 21.33 -15.33
N MET A 323 -14.77 21.98 -14.76
CA MET A 323 -14.84 22.43 -13.38
C MET A 323 -15.49 23.82 -13.35
N LYS A 324 -16.63 23.92 -12.67
CA LYS A 324 -17.34 25.19 -12.54
C LYS A 324 -16.66 26.10 -11.53
N ASN A 325 -16.85 27.40 -11.68
CA ASN A 325 -16.30 28.37 -10.74
C ASN A 325 -17.34 28.96 -9.80
N GLU A 326 -18.37 28.18 -9.44
CA GLU A 326 -19.41 28.67 -8.55
C GLU A 326 -19.28 28.24 -7.10
N THR A 327 -19.74 29.09 -6.19
CA THR A 327 -19.79 28.75 -4.78
C THR A 327 -20.66 27.51 -4.60
N MET A 328 -20.26 26.62 -3.70
CA MET A 328 -21.03 25.43 -3.42
C MET A 328 -21.68 25.52 -2.05
N TYR A 329 -22.80 24.80 -1.88
CA TYR A 329 -23.53 24.82 -0.62
C TYR A 329 -23.79 23.41 -0.13
N ALA A 330 -23.49 23.17 1.14
CA ALA A 330 -23.74 21.88 1.75
C ALA A 330 -24.43 22.08 3.09
N ASP A 331 -25.26 21.11 3.47
CA ASP A 331 -26.04 21.21 4.69
C ASP A 331 -25.15 21.37 5.93
N ASN A 332 -24.17 20.49 6.09
CA ASN A 332 -23.36 20.50 7.30
C ASN A 332 -21.91 20.92 7.05
N HIS A 333 -21.32 20.35 6.02
CA HIS A 333 -19.91 20.58 5.71
C HIS A 333 -19.61 22.00 5.24
N SER A 334 -18.34 22.37 5.32
CA SER A 334 -17.87 23.55 4.64
C SER A 334 -17.71 23.16 3.18
N THR A 335 -17.59 24.16 2.31
CA THR A 335 -17.46 23.90 0.89
C THR A 335 -16.28 24.67 0.32
N GLU A 336 -15.36 25.05 1.20
CA GLU A 336 -14.18 25.79 0.81
C GLU A 336 -13.37 25.00 -0.22
N ASP A 337 -13.07 25.62 -1.36
CA ASP A 337 -12.24 25.01 -2.39
C ASP A 337 -12.89 23.83 -3.09
N ILE A 338 -14.22 23.74 -2.99
CA ILE A 338 -14.96 22.67 -3.66
C ILE A 338 -15.71 23.24 -4.86
N TYR A 339 -15.61 22.56 -6.00
CA TYR A 339 -16.27 23.01 -7.23
C TYR A 339 -16.99 21.88 -7.90
N ALA A 340 -18.19 22.17 -8.39
CA ALA A 340 -18.94 21.19 -9.16
C ALA A 340 -18.25 20.89 -10.48
N ILE A 341 -18.38 19.65 -10.92
CA ILE A 341 -18.07 19.31 -12.31
C ILE A 341 -19.38 19.31 -13.10
N GLY A 342 -19.42 20.08 -14.18
CA GLY A 342 -20.62 20.16 -14.99
C GLY A 342 -20.35 19.92 -16.48
N LEU A 343 -21.32 20.31 -17.30
CA LEU A 343 -21.19 20.15 -18.75
C LEU A 343 -21.15 21.50 -19.43
N ARG A 344 -20.24 21.64 -20.39
CA ARG A 344 -20.21 22.86 -21.19
C ARG A 344 -20.12 22.49 -22.65
N GLU A 345 -20.59 23.38 -23.52
CA GLU A 345 -20.54 23.13 -24.95
C GLU A 345 -19.10 23.09 -25.43
N GLN A 346 -18.81 22.18 -26.36
CA GLN A 346 -17.46 22.09 -26.90
C GLN A 346 -17.11 23.39 -27.60
N THR A 347 -15.83 23.73 -27.60
CA THR A 347 -15.36 24.88 -28.36
C THR A 347 -14.20 24.47 -29.25
N LYS A 348 -13.75 25.41 -30.07
CA LYS A 348 -12.65 25.13 -30.98
C LYS A 348 -11.36 24.90 -30.19
N ASP A 349 -11.21 25.62 -29.08
CA ASP A 349 -9.99 25.54 -28.28
C ASP A 349 -10.21 24.75 -26.99
N ILE A 350 -9.15 24.11 -26.50
CA ILE A 350 -9.18 23.39 -25.24
C ILE A 350 -9.14 24.38 -24.10
N ASN A 351 -10.27 24.65 -23.45
CA ASN A 351 -10.24 25.55 -22.31
C ASN A 351 -9.65 24.88 -21.06
N ASP A 352 -8.85 25.64 -20.31
CA ASP A 352 -8.20 25.13 -19.12
C ASP A 352 -9.13 24.36 -18.17
N ASN A 353 -10.37 24.84 -18.02
CA ASN A 353 -11.29 24.23 -17.06
C ASN A 353 -11.81 22.83 -17.43
N ILE A 354 -11.49 22.34 -18.62
CA ILE A 354 -11.89 20.98 -18.96
C ILE A 354 -10.75 19.99 -18.74
N ILE A 355 -9.59 20.48 -18.31
CA ILE A 355 -8.38 19.67 -18.39
C ILE A 355 -8.06 18.88 -17.11
N PHE A 356 -7.76 17.59 -17.27
CA PHE A 356 -7.43 16.72 -16.14
C PHE A 356 -6.19 15.85 -16.43
N GLN A 357 -5.60 15.33 -15.35
CA GLN A 357 -4.50 14.35 -15.43
C GLN A 357 -4.93 13.10 -14.66
N ILE A 358 -4.77 11.94 -15.29
CA ILE A 358 -5.20 10.69 -14.70
C ILE A 358 -4.02 9.91 -14.08
N GLN A 359 -4.31 9.06 -13.10
CA GLN A 359 -3.35 8.13 -12.50
C GLN A 359 -4.08 6.84 -12.23
N PRO A 360 -3.41 5.69 -12.39
CA PRO A 360 -4.03 4.42 -12.05
C PRO A 360 -4.23 4.32 -10.55
N MET A 361 -5.29 3.63 -10.12
CA MET A 361 -5.53 3.42 -8.70
C MET A 361 -6.18 2.06 -8.61
N ASN A 362 -5.34 1.05 -8.55
CA ASN A 362 -5.84 -0.31 -8.51
C ASN A 362 -5.85 -0.83 -7.09
N ASN A 363 -6.80 -1.70 -6.83
CA ASN A 363 -7.02 -2.26 -5.52
C ASN A 363 -7.07 -3.77 -5.69
N THR A 364 -6.95 -4.51 -4.61
CA THR A 364 -7.10 -5.95 -4.66
C THR A 364 -8.39 -6.35 -5.38
N TYR A 365 -9.46 -5.59 -5.18
CA TYR A 365 -10.78 -6.00 -5.67
C TYR A 365 -11.42 -5.09 -6.71
N TYR A 366 -10.68 -4.10 -7.18
CA TYR A 366 -11.19 -3.33 -8.30
C TYR A 366 -10.13 -2.55 -9.05
N TYR A 367 -10.44 -2.17 -10.28
CA TYR A 367 -9.58 -1.32 -11.10
C TYR A 367 -10.18 0.07 -11.23
N ALA A 368 -9.45 1.09 -10.79
CA ALA A 368 -9.96 2.45 -10.84
C ALA A 368 -8.84 3.41 -11.17
N SER A 369 -9.10 4.70 -10.94
CA SER A 369 -8.13 5.75 -11.20
C SER A 369 -8.39 6.93 -10.29
N GLN A 370 -7.39 7.82 -10.20
CA GLN A 370 -7.63 9.13 -9.62
C GLN A 370 -7.44 10.14 -10.72
N ILE A 371 -8.29 11.17 -10.69
CA ILE A 371 -8.32 12.18 -11.73
C ILE A 371 -8.11 13.54 -11.09
N PHE A 372 -7.07 14.23 -11.56
CA PHE A 372 -6.61 15.46 -10.94
C PHE A 372 -6.87 16.61 -11.90
N LYS A 373 -7.33 17.72 -11.36
CA LYS A 373 -7.44 18.94 -12.13
C LYS A 373 -6.06 19.46 -12.49
N SER A 374 -5.86 19.73 -13.78
CA SER A 374 -4.55 20.04 -14.32
C SER A 374 -4.63 21.21 -15.31
N ASN A 375 -3.51 21.91 -15.48
CA ASN A 375 -3.36 22.84 -16.61
C ASN A 375 -2.84 22.06 -17.84
N PHE A 376 -2.68 22.75 -18.96
CA PHE A 376 -2.38 22.09 -20.24
C PHE A 376 -1.13 21.20 -20.22
N ASN A 377 -0.09 21.60 -19.49
CA ASN A 377 1.16 20.83 -19.50
C ASN A 377 1.39 19.98 -18.25
N GLY A 378 0.42 19.98 -17.34
CA GLY A 378 0.48 19.16 -16.15
C GLY A 378 1.50 19.61 -15.13
N GLU A 379 1.97 20.85 -15.26
CA GLU A 379 2.90 21.44 -14.31
C GLU A 379 2.17 22.04 -13.11
N ASN A 380 0.88 22.31 -13.30
CA ASN A 380 0.08 22.81 -12.20
C ASN A 380 -1.09 21.87 -11.92
N ILE A 381 -0.92 20.98 -10.96
CA ILE A 381 -2.00 20.11 -10.51
C ILE A 381 -2.67 20.76 -9.32
N SER A 382 -3.92 21.18 -9.50
CA SER A 382 -4.56 22.06 -8.54
C SER A 382 -5.65 21.41 -7.69
N GLY A 383 -6.05 20.19 -8.04
CA GLY A 383 -7.10 19.52 -7.28
C GLY A 383 -7.30 18.05 -7.64
N ILE A 384 -8.18 17.39 -6.89
CA ILE A 384 -8.51 16.01 -7.18
C ILE A 384 -10.02 15.88 -7.33
N CYS A 385 -10.48 15.00 -8.21
CA CYS A 385 -11.91 14.80 -8.39
C CYS A 385 -12.49 13.92 -7.31
N SER A 386 -13.64 14.33 -6.79
CA SER A 386 -14.30 13.57 -5.75
C SER A 386 -15.82 13.63 -6.00
N ILE A 387 -16.59 13.32 -4.98
CA ILE A 387 -18.03 13.24 -5.11
C ILE A 387 -18.65 13.64 -3.78
N GLY A 388 -19.85 14.21 -3.82
CA GLY A 388 -20.53 14.63 -2.60
C GLY A 388 -21.94 15.17 -2.82
N THR A 389 -22.64 15.38 -1.72
CA THR A 389 -24.03 15.85 -1.78
C THR A 389 -24.08 17.34 -1.52
N TYR A 390 -24.54 18.10 -2.50
CA TYR A 390 -24.61 19.56 -2.38
C TYR A 390 -25.97 20.11 -2.83
N ARG A 391 -26.28 21.32 -2.42
CA ARG A 391 -27.55 21.99 -2.71
C ARG A 391 -27.54 22.80 -4.02
N PHE A 392 -28.47 22.50 -4.92
CA PHE A 392 -28.55 23.19 -6.21
C PHE A 392 -29.99 23.56 -6.54
N ARG A 393 -30.17 24.56 -7.40
CA ARG A 393 -31.42 24.76 -8.12
C ARG A 393 -31.22 24.27 -9.55
N LEU A 394 -31.73 23.08 -9.83
CA LEU A 394 -31.62 22.48 -11.15
C LEU A 394 -33.00 22.31 -11.76
N GLY A 395 -33.05 22.20 -13.08
CA GLY A 395 -34.32 22.05 -13.78
C GLY A 395 -35.35 23.10 -13.38
N GLY A 396 -36.49 22.64 -12.88
CA GLY A 396 -37.55 23.55 -12.48
C GLY A 396 -37.54 23.96 -11.02
N ASP A 397 -36.48 23.60 -10.29
CA ASP A 397 -36.39 23.88 -8.87
C ASP A 397 -36.55 25.37 -8.58
N TRP A 398 -37.45 25.71 -7.68
CA TRP A 398 -37.46 27.06 -7.14
C TRP A 398 -36.58 27.06 -5.90
N TYR A 399 -36.66 25.97 -5.15
CA TYR A 399 -35.86 25.81 -3.94
C TYR A 399 -34.58 25.02 -4.22
N ARG A 400 -33.60 25.13 -3.33
CA ARG A 400 -32.39 24.33 -3.43
C ARG A 400 -32.68 22.91 -2.96
N HIS A 401 -32.15 21.94 -3.70
CA HIS A 401 -32.28 20.54 -3.35
C HIS A 401 -30.91 19.87 -3.32
N ASN A 402 -30.82 18.76 -2.59
CA ASN A 402 -29.60 17.97 -2.54
C ASN A 402 -29.44 17.09 -3.75
N TYR A 403 -28.27 17.16 -4.37
CA TYR A 403 -27.91 16.27 -5.46
C TYR A 403 -26.52 15.71 -5.20
N LEU A 404 -26.32 14.44 -5.54
CA LEU A 404 -25.00 13.82 -5.47
C LEU A 404 -24.29 14.13 -6.80
N VAL A 405 -23.22 14.91 -6.71
CA VAL A 405 -22.57 15.43 -7.90
C VAL A 405 -21.06 15.16 -7.86
N PRO A 406 -20.42 15.06 -9.04
CA PRO A 406 -18.96 14.97 -9.04
C PRO A 406 -18.38 16.34 -8.73
N THR A 407 -17.23 16.38 -8.07
CA THR A 407 -16.64 17.65 -7.67
C THR A 407 -15.13 17.60 -7.88
N VAL A 408 -14.52 18.78 -7.88
CA VAL A 408 -13.08 18.90 -7.72
C VAL A 408 -12.83 19.58 -6.39
N LYS A 409 -11.94 18.99 -5.59
CA LYS A 409 -11.48 19.60 -4.36
C LYS A 409 -10.10 20.22 -4.62
N GLN A 410 -10.00 21.55 -4.57
CA GLN A 410 -8.71 22.23 -4.69
C GLN A 410 -8.13 22.56 -3.32
N GLY A 411 -7.38 23.64 -3.21
CA GLY A 411 -6.70 23.92 -1.96
C GLY A 411 -5.74 22.79 -1.63
N ASN A 412 -5.61 22.45 -0.36
CA ASN A 412 -4.79 21.31 0.00
C ASN A 412 -5.52 20.00 -0.25
N TYR A 413 -5.51 19.53 -1.48
CA TYR A 413 -6.25 18.33 -1.81
C TYR A 413 -5.60 17.04 -1.29
N ALA A 414 -4.37 17.15 -0.78
CA ALA A 414 -3.62 15.98 -0.32
C ALA A 414 -4.37 15.19 0.74
N SER A 415 -5.14 15.90 1.56
CA SER A 415 -5.91 15.23 2.61
C SER A 415 -6.89 14.22 2.04
N LEU A 416 -7.27 14.41 0.78
CA LEU A 416 -8.27 13.54 0.18
C LEU A 416 -7.67 12.37 -0.62
N LEU A 417 -6.34 12.29 -0.71
CA LEU A 417 -5.69 11.29 -1.55
C LEU A 417 -5.97 9.85 -1.17
N GLU A 418 -6.23 9.62 0.12
CA GLU A 418 -6.43 8.28 0.63
C GLU A 418 -7.91 7.90 0.61
N SER A 419 -8.76 8.82 0.17
CA SER A 419 -10.21 8.56 0.20
C SER A 419 -10.70 7.77 -1.01
N THR A 420 -11.48 6.72 -0.77
CA THR A 420 -12.06 5.94 -1.86
C THR A 420 -13.08 6.79 -2.66
N SER A 421 -13.50 7.90 -2.09
CA SER A 421 -14.37 8.83 -2.79
C SER A 421 -13.67 9.48 -4.01
N THR A 422 -12.37 9.30 -4.13
CA THR A 422 -11.63 9.86 -5.26
C THR A 422 -11.32 8.81 -6.31
N HIS A 423 -11.87 7.61 -6.13
CA HIS A 423 -11.58 6.50 -7.02
C HIS A 423 -12.67 6.35 -8.07
N TRP A 424 -12.28 6.41 -9.34
CA TRP A 424 -13.17 6.39 -10.49
C TRP A 424 -12.94 5.19 -11.38
N GLY A 425 -14.00 4.46 -11.69
CA GLY A 425 -13.93 3.28 -12.52
C GLY A 425 -14.58 3.58 -13.85
N PHE A 426 -14.18 2.83 -14.88
CA PHE A 426 -14.72 3.02 -16.21
C PHE A 426 -15.20 1.70 -16.75
N VAL A 427 -16.51 1.52 -16.78
CA VAL A 427 -17.13 0.30 -17.29
C VAL A 427 -17.39 0.43 -18.78
N PRO A 428 -16.83 -0.49 -19.58
CA PRO A 428 -17.03 -0.41 -21.03
C PRO A 428 -18.46 -0.73 -21.43
N VAL A 429 -18.96 0.01 -22.42
CA VAL A 429 -20.31 -0.21 -22.93
C VAL A 429 -20.35 -1.40 -23.89
N SER A 430 -21.35 -2.26 -23.71
CA SER A 430 -21.50 -3.44 -24.56
C SER A 430 -21.83 -3.07 -26.00
N GLU A 431 -22.65 -2.03 -26.17
CA GLU A 431 -23.05 -1.59 -27.49
C GLU A 431 -22.18 -0.45 -27.99
N SER B 4 14.58 3.47 -10.41
CA SER B 4 14.81 4.45 -11.45
C SER B 4 15.80 5.51 -11.04
N MET B 5 16.79 5.11 -10.26
CA MET B 5 17.63 6.06 -9.54
C MET B 5 18.61 6.85 -10.42
N ALA B 6 19.07 6.24 -11.50
CA ALA B 6 20.05 6.89 -12.39
C ALA B 6 19.56 8.26 -12.84
N ASN B 7 18.33 8.31 -13.35
CA ASN B 7 17.75 9.56 -13.84
C ASN B 7 17.35 10.57 -12.75
N ILE B 8 16.95 10.07 -11.59
CA ILE B 8 16.71 10.92 -10.44
C ILE B 8 18.02 11.64 -10.07
N ASN B 9 19.10 10.87 -9.93
CA ASN B 9 20.40 11.39 -9.57
C ASN B 9 21.04 12.33 -10.58
N ASP B 10 20.63 12.22 -11.83
CA ASP B 10 21.12 13.16 -12.84
C ASP B 10 20.90 14.61 -12.40
N SER B 11 19.85 14.86 -11.62
CA SER B 11 19.53 16.24 -11.28
C SER B 11 20.04 16.61 -9.89
N LYS B 12 20.73 15.69 -9.23
CA LYS B 12 21.20 15.98 -7.88
C LYS B 12 22.35 17.01 -7.88
N ILE B 13 22.20 18.08 -7.09
CA ILE B 13 23.20 19.14 -7.05
C ILE B 13 23.82 19.32 -5.67
N LEU B 14 23.29 18.60 -4.69
CA LEU B 14 23.86 18.60 -3.35
C LEU B 14 23.54 17.27 -2.71
N SER B 15 24.52 16.71 -2.02
CA SER B 15 24.34 15.40 -1.39
C SER B 15 25.21 15.39 -0.14
N LEU B 16 24.68 15.97 0.93
CA LEU B 16 25.39 16.04 2.21
C LEU B 16 25.37 14.69 2.90
N GLN B 17 26.55 14.08 3.03
CA GLN B 17 26.66 12.75 3.62
C GLN B 17 27.90 12.63 4.48
N ASN B 18 27.84 11.66 5.39
CA ASN B 18 28.93 11.28 6.26
C ASN B 18 29.77 10.23 5.54
N ARG B 19 30.93 10.62 5.02
CA ARG B 19 31.91 9.68 4.46
C ARG B 19 33.21 9.73 5.26
N LYS B 20 33.62 8.58 5.81
CA LYS B 20 34.87 8.52 6.56
C LYS B 20 34.87 9.46 7.76
N ASN B 21 33.78 9.47 8.53
CA ASN B 21 33.70 10.32 9.72
C ASN B 21 33.89 11.80 9.40
N THR B 22 33.38 12.21 8.23
CA THR B 22 33.45 13.60 7.79
C THR B 22 32.19 13.91 6.98
N LEU B 23 31.61 15.09 7.21
CA LEU B 23 30.51 15.55 6.39
C LEU B 23 31.04 16.21 5.10
N VAL B 24 30.63 15.65 3.96
CA VAL B 24 31.05 16.19 2.66
C VAL B 24 29.89 16.20 1.70
N ASP B 25 30.04 16.96 0.62
CA ASP B 25 29.10 16.92 -0.47
C ASP B 25 29.58 15.91 -1.51
N THR B 26 28.79 14.87 -1.75
CA THR B 26 29.17 13.85 -2.73
C THR B 26 28.52 14.01 -4.12
N SER B 27 27.80 15.11 -4.32
CA SER B 27 27.07 15.32 -5.57
C SER B 27 28.02 15.50 -6.77
N GLY B 28 29.25 15.93 -6.52
CA GLY B 28 30.17 16.30 -7.59
C GLY B 28 30.31 17.80 -7.77
N TYR B 29 29.43 18.57 -7.11
CA TYR B 29 29.46 20.02 -7.27
C TYR B 29 30.33 20.71 -6.22
N ASN B 30 30.88 19.90 -5.33
CA ASN B 30 31.90 20.38 -4.40
C ASN B 30 31.51 21.57 -3.51
N ALA B 31 30.35 21.49 -2.86
CA ALA B 31 30.03 22.47 -1.83
C ALA B 31 31.03 22.31 -0.67
N GLU B 32 31.42 23.43 -0.07
CA GLU B 32 32.23 23.39 1.15
C GLU B 32 31.34 23.06 2.36
N VAL B 33 31.76 22.09 3.15
CA VAL B 33 31.04 21.73 4.37
C VAL B 33 31.92 21.99 5.60
N SER B 34 31.40 22.74 6.57
CA SER B 34 32.13 22.93 7.82
C SER B 34 31.26 22.61 9.04
N GLU B 35 31.91 22.15 10.10
CA GLU B 35 31.21 21.85 11.35
C GLU B 35 31.78 22.72 12.47
N GLU B 36 30.91 23.22 13.34
CA GLU B 36 31.31 23.98 14.52
C GLU B 36 30.53 23.46 15.72
N GLY B 37 31.13 23.56 16.90
CA GLY B 37 30.47 23.14 18.14
C GLY B 37 30.21 21.65 18.24
N ASP B 38 29.25 21.28 19.09
CA ASP B 38 28.96 19.87 19.34
C ASP B 38 28.15 19.25 18.21
N VAL B 39 28.84 18.60 17.28
CA VAL B 39 28.19 17.86 16.21
C VAL B 39 28.65 16.42 16.35
N GLN B 40 27.72 15.50 16.53
CA GLN B 40 28.07 14.08 16.63
C GLN B 40 27.78 13.31 15.35
N LEU B 41 28.80 12.64 14.81
CA LEU B 41 28.58 11.79 13.66
C LEU B 41 28.41 10.36 14.11
N ASN B 42 27.45 9.66 13.51
CA ASN B 42 27.22 8.27 13.81
C ASN B 42 28.10 7.45 12.88
N PRO B 43 28.96 6.58 13.45
CA PRO B 43 29.88 5.72 12.69
C PRO B 43 29.14 4.54 12.03
N ILE B 44 27.93 4.27 12.50
CA ILE B 44 27.12 3.16 12.00
C ILE B 44 25.97 3.70 11.17
N PHE B 45 25.52 2.93 10.19
CA PHE B 45 24.34 3.31 9.41
C PHE B 45 23.23 3.75 10.37
N PRO B 46 22.49 4.81 10.00
CA PRO B 46 22.50 5.54 8.73
C PRO B 46 23.54 6.65 8.66
N PHE B 47 24.52 6.67 9.55
CA PHE B 47 25.61 7.65 9.48
C PHE B 47 25.11 9.08 9.65
N ASP B 48 24.13 9.25 10.53
CA ASP B 48 23.52 10.56 10.79
C ASP B 48 24.46 11.50 11.53
N PHE B 49 24.18 12.80 11.44
CA PHE B 49 24.81 13.71 12.40
C PHE B 49 23.77 14.22 13.36
N LYS B 50 24.21 14.55 14.58
CA LYS B 50 23.28 14.99 15.62
C LYS B 50 23.62 16.37 16.16
N LEU B 51 22.60 17.23 16.26
CA LEU B 51 22.77 18.55 16.85
C LEU B 51 21.88 18.72 18.09
N GLY B 52 22.27 19.60 19.01
CA GLY B 52 21.46 19.92 20.17
C GLY B 52 21.09 21.39 20.16
N SER B 53 20.11 21.76 20.99
CA SER B 53 19.64 23.16 21.04
C SER B 53 20.30 23.95 22.16
N SER B 54 20.88 23.26 23.12
CA SER B 54 21.33 23.92 24.35
C SER B 54 22.83 24.21 24.36
N GLY B 55 23.19 25.40 24.85
CA GLY B 55 24.59 25.75 25.05
C GLY B 55 25.12 26.71 24.00
N GLU B 56 26.26 27.34 24.33
CA GLU B 56 26.95 28.17 23.36
C GLU B 56 27.69 27.28 22.36
N ASP B 57 28.02 26.06 22.79
CA ASP B 57 28.76 25.12 21.95
C ASP B 57 27.82 24.23 21.13
N ARG B 58 26.62 24.73 20.89
CA ARG B 58 25.63 24.15 20.02
C ARG B 58 26.24 23.74 18.67
N GLY B 59 25.84 22.58 18.16
CA GLY B 59 26.31 22.12 16.87
C GLY B 59 25.84 23.00 15.72
N LYS B 60 26.67 23.13 14.71
CA LYS B 60 26.38 23.98 13.57
C LYS B 60 27.05 23.37 12.36
N VAL B 61 26.27 22.97 11.36
CA VAL B 61 26.83 22.47 10.11
C VAL B 61 26.50 23.45 9.01
N ILE B 62 27.53 24.02 8.40
CA ILE B 62 27.36 25.04 7.37
C ILE B 62 27.78 24.48 6.01
N VAL B 63 26.84 24.47 5.08
CA VAL B 63 27.12 24.05 3.71
C VAL B 63 27.15 25.31 2.85
N THR B 64 28.27 25.52 2.17
CA THR B 64 28.39 26.65 1.26
C THR B 64 28.49 26.12 -0.15
N GLN B 65 27.43 26.34 -0.92
CA GLN B 65 27.33 25.82 -2.26
C GLN B 65 28.00 26.74 -3.25
N ASN B 66 28.34 26.14 -4.40
CA ASN B 66 28.76 26.88 -5.56
C ASN B 66 27.64 27.83 -5.97
N GLU B 67 27.92 29.13 -6.02
CA GLU B 67 26.86 30.10 -6.30
C GLU B 67 26.22 29.94 -7.67
N ASN B 68 26.97 29.39 -8.63
CA ASN B 68 26.45 29.19 -9.99
C ASN B 68 25.46 28.05 -10.11
N ILE B 69 25.71 26.95 -9.41
CA ILE B 69 24.77 25.85 -9.45
C ILE B 69 23.44 26.27 -8.79
N VAL B 70 23.54 27.11 -7.76
CA VAL B 70 22.35 27.61 -7.07
C VAL B 70 21.54 28.45 -8.07
N TYR B 71 22.20 29.44 -8.64
CA TYR B 71 21.59 30.30 -9.65
C TYR B 71 20.93 29.53 -10.81
N ASN B 72 21.58 28.50 -11.31
CA ASN B 72 21.03 27.74 -12.43
C ASN B 72 20.06 26.65 -12.03
N SER B 73 19.79 26.49 -10.75
CA SER B 73 18.91 25.40 -10.30
C SER B 73 17.63 25.85 -9.57
N MET B 74 17.74 26.86 -8.72
CA MET B 74 16.70 27.09 -7.72
C MET B 74 15.53 27.97 -8.18
N TYR B 75 15.72 28.72 -9.26
CA TYR B 75 14.72 29.72 -9.65
C TYR B 75 13.60 29.15 -10.51
N GLU B 76 13.73 27.88 -10.90
CA GLU B 76 12.66 27.25 -11.65
C GLU B 76 11.98 26.14 -10.83
N SER B 77 12.62 24.97 -10.76
CA SER B 77 12.09 23.87 -9.99
C SER B 77 13.20 23.19 -9.20
N PHE B 78 12.90 22.80 -7.97
CA PHE B 78 13.88 22.03 -7.21
C PHE B 78 13.16 21.11 -6.24
N SER B 79 13.95 20.24 -5.61
CA SER B 79 13.47 19.35 -4.58
C SER B 79 14.50 19.25 -3.48
N ILE B 80 14.04 19.18 -2.24
CA ILE B 80 14.89 19.02 -1.08
C ILE B 80 14.44 17.77 -0.34
N SER B 81 15.35 16.83 -0.11
CA SER B 81 15.01 15.60 0.63
C SER B 81 16.01 15.30 1.75
N PHE B 82 15.51 14.70 2.82
CA PHE B 82 16.36 14.34 3.95
C PHE B 82 15.60 13.50 4.98
N TRP B 83 16.36 12.71 5.72
CA TRP B 83 15.85 11.98 6.86
C TRP B 83 16.10 12.85 8.06
N ILE B 84 15.12 12.90 8.96
CA ILE B 84 15.25 13.71 10.15
C ILE B 84 14.60 13.05 11.37
N ARG B 85 15.19 13.26 12.54
CA ARG B 85 14.55 12.87 13.78
C ARG B 85 14.66 14.02 14.77
N ILE B 86 13.59 14.24 15.53
CA ILE B 86 13.60 15.22 16.60
C ILE B 86 13.17 14.55 17.91
N ASN B 87 13.89 14.84 19.00
CA ASN B 87 13.52 14.34 20.32
C ASN B 87 13.77 15.38 21.40
N LYS B 88 12.80 15.61 22.27
CA LYS B 88 11.46 15.06 22.15
C LYS B 88 10.60 16.10 21.44
N TRP B 89 9.97 15.71 20.34
CA TRP B 89 9.15 16.65 19.62
C TRP B 89 7.75 16.72 20.23
N VAL B 90 7.64 17.45 21.35
CA VAL B 90 6.38 17.59 22.08
C VAL B 90 5.44 18.57 21.38
N SER B 91 4.15 18.40 21.62
CA SER B 91 3.12 19.14 20.89
C SER B 91 3.15 20.63 21.17
N ASN B 92 3.76 21.03 22.28
CA ASN B 92 3.83 22.47 22.60
C ASN B 92 5.23 23.01 22.43
N LEU B 93 6.01 22.36 21.57
CA LEU B 93 7.37 22.79 21.31
C LEU B 93 7.37 24.24 20.88
N PRO B 94 8.31 25.05 21.43
CA PRO B 94 8.42 26.42 20.93
C PRO B 94 9.05 26.40 19.54
N GLY B 95 9.11 27.56 18.89
CA GLY B 95 9.63 27.68 17.55
C GLY B 95 11.14 27.59 17.47
N TYR B 96 11.63 26.77 16.55
CA TYR B 96 13.05 26.67 16.23
C TYR B 96 13.22 26.64 14.72
N THR B 97 14.13 27.46 14.21
CA THR B 97 14.62 27.28 12.87
C THR B 97 15.64 26.15 12.99
N ILE B 98 15.60 25.20 12.06
CA ILE B 98 16.54 24.07 12.11
C ILE B 98 17.45 23.93 10.89
N ILE B 99 16.92 24.24 9.71
CA ILE B 99 17.72 24.24 8.49
C ILE B 99 17.42 25.52 7.72
N ASP B 100 18.40 26.42 7.70
CA ASP B 100 18.16 27.77 7.20
C ASP B 100 19.01 28.13 5.97
N SER B 101 18.34 28.63 4.94
CA SER B 101 19.03 29.14 3.76
C SER B 101 18.47 30.52 3.42
N VAL B 102 18.48 31.39 4.41
CA VAL B 102 18.02 32.75 4.22
C VAL B 102 19.18 33.72 4.39
N LYS B 103 19.29 34.68 3.48
CA LYS B 103 20.29 35.72 3.57
C LYS B 103 19.73 37.02 3.03
N ASN B 104 19.99 38.14 3.72
CA ASN B 104 19.39 39.42 3.35
C ASN B 104 17.89 39.29 3.17
N ASN B 105 17.23 38.64 4.13
CA ASN B 105 15.79 38.50 4.17
C ASN B 105 15.13 37.79 2.97
N SER B 106 15.87 36.89 2.36
CA SER B 106 15.34 36.11 1.23
C SER B 106 16.03 34.74 1.16
N GLY B 107 15.33 33.76 0.60
CA GLY B 107 15.83 32.40 0.50
C GLY B 107 14.76 31.40 0.89
N TRP B 108 15.15 30.29 1.50
CA TRP B 108 14.20 29.33 2.06
C TRP B 108 14.65 28.91 3.44
N SER B 109 13.71 28.37 4.22
CA SER B 109 14.03 27.94 5.56
C SER B 109 13.10 26.84 6.01
N ILE B 110 13.57 26.01 6.93
CA ILE B 110 12.77 24.96 7.51
C ILE B 110 12.82 25.09 9.03
N GLY B 111 11.65 25.04 9.67
CA GLY B 111 11.58 25.22 11.11
C GLY B 111 10.55 24.29 11.72
N ILE B 112 10.57 24.18 13.04
CA ILE B 112 9.55 23.43 13.77
C ILE B 112 8.94 24.31 14.85
N ILE B 113 7.65 24.12 15.10
CA ILE B 113 6.95 24.82 16.16
C ILE B 113 5.71 24.01 16.49
N SER B 114 5.41 23.88 17.78
CA SER B 114 4.37 22.95 18.21
C SER B 114 4.55 21.61 17.49
N ASN B 115 3.48 21.11 16.88
CA ASN B 115 3.52 19.84 16.15
C ASN B 115 3.67 20.02 14.63
N PHE B 116 4.28 21.15 14.22
CA PHE B 116 4.44 21.45 12.81
C PHE B 116 5.92 21.44 12.36
N LEU B 117 6.20 20.82 11.22
CA LEU B 117 7.46 21.08 10.52
C LEU B 117 7.12 21.96 9.31
N VAL B 118 7.78 23.11 9.21
CA VAL B 118 7.40 24.11 8.22
C VAL B 118 8.49 24.36 7.18
N PHE B 119 8.12 24.34 5.91
CA PHE B 119 9.01 24.81 4.85
C PHE B 119 8.53 26.17 4.37
N THR B 120 9.45 27.12 4.26
CA THR B 120 9.12 28.50 3.93
C THR B 120 10.01 29.05 2.81
N LEU B 121 9.38 29.59 1.77
CA LEU B 121 10.06 30.46 0.82
C LEU B 121 9.96 31.90 1.34
N LYS B 122 11.10 32.54 1.59
CA LYS B 122 11.10 33.91 2.04
C LYS B 122 11.42 34.81 0.86
N GLN B 123 10.39 35.51 0.37
CA GLN B 123 10.57 36.41 -0.77
C GLN B 123 11.31 37.66 -0.34
N ASN B 124 10.88 38.22 0.79
CA ASN B 124 11.50 39.40 1.34
C ASN B 124 11.10 39.55 2.79
N GLU B 125 11.61 40.61 3.41
CA GLU B 125 11.34 40.95 4.80
C GLU B 125 9.85 40.92 5.16
N ASP B 126 8.99 41.16 4.18
CA ASP B 126 7.56 41.35 4.44
C ASP B 126 6.67 40.27 3.83
N SER B 127 7.27 39.30 3.16
CA SER B 127 6.49 38.37 2.36
C SER B 127 7.09 36.96 2.33
N GLU B 128 6.25 35.96 2.61
CA GLU B 128 6.71 34.58 2.61
C GLU B 128 5.61 33.68 2.04
N GLN B 129 5.94 32.42 1.82
CA GLN B 129 4.94 31.41 1.51
C GLN B 129 5.38 30.07 2.13
N SER B 130 4.52 29.49 2.97
CA SER B 130 4.88 28.31 3.74
C SER B 130 3.92 27.15 3.55
N ILE B 131 4.44 25.94 3.73
CA ILE B 131 3.64 24.72 3.80
C ILE B 131 4.13 23.95 5.01
N ASN B 132 3.38 22.95 5.44
CA ASN B 132 3.76 22.25 6.64
C ASN B 132 3.26 20.81 6.73
N PHE B 133 3.93 20.05 7.59
CA PHE B 133 3.47 18.75 8.01
C PHE B 133 3.10 18.94 9.46
N SER B 134 1.90 18.51 9.85
CA SER B 134 1.52 18.53 11.26
C SER B 134 1.27 17.11 11.70
N TYR B 135 1.92 16.69 12.78
CA TYR B 135 1.77 15.31 13.22
C TYR B 135 0.51 15.14 14.11
N ASP B 136 0.02 13.91 14.18
CA ASP B 136 -1.21 13.61 14.93
C ASP B 136 -0.89 13.61 16.42
N ILE B 137 -1.31 14.68 17.10
CA ILE B 137 -1.03 14.85 18.51
C ILE B 137 -1.59 13.71 19.37
N SER B 138 -2.83 13.33 19.10
CA SER B 138 -3.48 12.31 19.93
C SER B 138 -2.76 10.96 19.84
N ASN B 139 -2.16 10.67 18.70
CA ASN B 139 -1.46 9.41 18.55
C ASN B 139 0.02 9.50 18.92
N ASN B 140 0.41 10.62 19.54
CA ASN B 140 1.81 10.87 19.84
C ASN B 140 2.00 11.71 21.11
N ALA B 141 1.39 11.27 22.20
CA ALA B 141 1.48 12.01 23.46
C ALA B 141 2.92 12.16 23.98
N PRO B 142 3.74 11.10 23.86
CA PRO B 142 5.14 11.16 24.30
C PRO B 142 6.05 11.98 23.36
N GLY B 143 5.51 12.52 22.28
CA GLY B 143 6.30 13.26 21.31
C GLY B 143 6.42 12.49 20.00
N TYR B 144 6.51 13.19 18.87
CA TYR B 144 6.73 12.53 17.58
C TYR B 144 8.23 12.33 17.40
N ASN B 145 8.79 11.35 18.11
CA ASN B 145 10.24 11.22 18.23
C ASN B 145 10.87 10.20 17.29
N LYS B 146 10.20 9.95 16.16
CA LYS B 146 10.66 8.97 15.20
C LYS B 146 11.28 9.60 13.94
N TRP B 147 12.14 8.82 13.29
CA TRP B 147 12.74 9.24 12.03
C TRP B 147 11.62 9.37 11.01
N PHE B 148 11.70 10.39 10.17
CA PHE B 148 10.83 10.47 9.00
C PHE B 148 11.57 11.10 7.83
N PHE B 149 11.10 10.83 6.63
CA PHE B 149 11.74 11.27 5.41
C PHE B 149 10.95 12.42 4.80
N VAL B 150 11.54 13.61 4.83
CA VAL B 150 10.93 14.79 4.25
C VAL B 150 11.31 14.95 2.79
N THR B 151 10.35 15.36 1.98
CA THR B 151 10.66 15.82 0.64
C THR B 151 9.82 17.05 0.33
N VAL B 152 10.51 18.16 0.04
CA VAL B 152 9.84 19.37 -0.39
C VAL B 152 10.14 19.56 -1.87
N THR B 153 9.11 19.82 -2.68
CA THR B 153 9.30 20.17 -4.07
C THR B 153 8.71 21.55 -4.35
N ASN B 154 9.36 22.28 -5.25
CA ASN B 154 8.91 23.60 -5.61
C ASN B 154 9.02 23.82 -7.12
N ASN B 155 7.99 24.45 -7.68
CA ASN B 155 7.96 24.83 -9.08
C ASN B 155 7.37 26.23 -9.16
N MET B 156 8.16 27.22 -9.58
CA MET B 156 7.72 28.61 -9.61
C MET B 156 6.51 28.80 -10.53
N MET B 157 6.37 27.93 -11.53
CA MET B 157 5.21 27.97 -12.42
C MET B 157 4.08 27.05 -11.97
N GLY B 158 4.28 26.36 -10.85
CA GLY B 158 3.30 25.40 -10.39
C GLY B 158 3.09 25.42 -8.89
N ASN B 159 3.31 24.28 -8.26
CA ASN B 159 3.05 24.14 -6.83
C ASN B 159 4.28 23.94 -5.95
N MET B 160 4.08 24.22 -4.67
CA MET B 160 5.03 23.96 -3.61
C MET B 160 4.42 22.82 -2.80
N LYS B 161 5.18 21.74 -2.61
CA LYS B 161 4.65 20.52 -2.00
C LYS B 161 5.59 19.94 -0.96
N ILE B 162 5.01 19.33 0.05
CA ILE B 162 5.80 18.64 1.05
C ILE B 162 5.26 17.23 1.22
N TYR B 163 6.17 16.26 1.24
CA TYR B 163 5.86 14.86 1.42
C TYR B 163 6.48 14.35 2.71
N ILE B 164 5.85 13.37 3.32
CA ILE B 164 6.42 12.71 4.49
C ILE B 164 6.41 11.23 4.19
N ASN B 165 7.56 10.59 4.31
CA ASN B 165 7.67 9.18 3.99
C ASN B 165 6.98 8.84 2.67
N GLY B 166 7.15 9.71 1.68
CA GLY B 166 6.71 9.42 0.34
C GLY B 166 5.25 9.74 0.05
N LYS B 167 4.55 10.32 1.03
CA LYS B 167 3.15 10.70 0.87
C LYS B 167 2.99 12.20 0.87
N LEU B 168 2.25 12.70 -0.10
CA LEU B 168 1.97 14.13 -0.19
C LEU B 168 1.09 14.57 0.97
N ILE B 169 1.51 15.62 1.67
CA ILE B 169 0.86 16.08 2.89
C ILE B 169 0.23 17.45 2.66
N ASP B 170 0.88 18.28 1.88
CA ASP B 170 0.43 19.66 1.69
C ASP B 170 0.89 20.17 0.33
N THR B 171 0.04 20.95 -0.33
CA THR B 171 0.35 21.47 -1.66
C THR B 171 -0.31 22.83 -1.78
N ILE B 172 0.45 23.79 -2.33
CA ILE B 172 -0.07 25.14 -2.55
C ILE B 172 0.49 25.74 -3.83
N LYS B 173 -0.34 26.46 -4.56
CA LYS B 173 0.10 27.17 -5.77
C LYS B 173 1.09 28.25 -5.35
N VAL B 174 2.24 28.26 -6.01
CA VAL B 174 3.26 29.25 -5.69
C VAL B 174 2.85 30.63 -6.18
N LYS B 175 2.85 31.61 -5.29
CA LYS B 175 2.47 32.97 -5.66
C LYS B 175 3.62 33.63 -6.41
N GLU B 176 3.39 34.82 -6.93
CA GLU B 176 4.46 35.56 -7.59
C GLU B 176 5.46 35.99 -6.51
N LEU B 177 6.71 35.58 -6.68
CA LEU B 177 7.71 35.82 -5.66
C LEU B 177 8.83 36.64 -6.23
N THR B 178 8.46 37.61 -7.06
CA THR B 178 9.40 38.51 -7.72
C THR B 178 10.41 39.09 -6.73
N GLY B 179 11.68 38.91 -7.06
CA GLY B 179 12.74 39.46 -6.22
C GLY B 179 13.31 38.47 -5.23
N ILE B 180 12.73 37.28 -5.13
CA ILE B 180 13.29 36.29 -4.24
C ILE B 180 14.74 36.00 -4.67
N ASN B 181 15.62 35.89 -3.69
CA ASN B 181 17.03 35.65 -3.96
C ASN B 181 17.47 34.45 -3.11
N PHE B 182 17.90 33.38 -3.77
CA PHE B 182 18.31 32.17 -3.07
C PHE B 182 19.77 32.25 -2.64
N SER B 183 20.00 31.84 -1.41
CA SER B 183 21.31 31.89 -0.77
C SER B 183 22.11 30.63 -1.14
N LYS B 184 23.43 30.73 -1.16
CA LYS B 184 24.24 29.54 -1.46
C LYS B 184 24.61 28.82 -0.17
N THR B 185 24.23 29.42 0.95
CA THR B 185 24.58 28.88 2.26
C THR B 185 23.38 28.21 2.93
N ILE B 186 23.59 26.99 3.43
CA ILE B 186 22.60 26.29 4.23
C ILE B 186 23.21 25.97 5.58
N THR B 187 22.50 26.32 6.64
CA THR B 187 22.99 26.18 8.00
C THR B 187 22.04 25.30 8.80
N PHE B 188 22.57 24.15 9.23
CA PHE B 188 21.87 23.26 10.13
C PHE B 188 22.29 23.67 11.53
N GLU B 189 21.31 24.13 12.31
CA GLU B 189 21.54 24.54 13.69
C GLU B 189 20.14 24.69 14.28
N ILE B 190 19.98 24.28 15.52
CA ILE B 190 18.68 24.41 16.18
C ILE B 190 18.68 25.78 16.88
N ASN B 191 18.06 26.77 16.25
CA ASN B 191 18.03 28.14 16.76
C ASN B 191 16.62 28.54 17.19
N LYS B 192 16.46 28.77 18.48
CA LYS B 192 15.18 29.18 19.03
C LYS B 192 14.75 30.52 18.48
N ILE B 193 13.49 30.63 18.12
CA ILE B 193 12.90 31.92 17.81
C ILE B 193 12.58 32.62 19.13
N PRO B 194 12.98 33.90 19.27
CA PRO B 194 12.78 34.67 20.51
C PRO B 194 11.36 34.96 21.04
N ASP B 195 10.50 35.50 20.16
CA ASP B 195 9.07 35.64 20.42
C ASP B 195 8.35 34.28 20.31
N THR B 196 7.24 34.12 21.02
CA THR B 196 6.68 35.15 21.88
C THR B 196 6.96 34.83 23.35
N SER B 203 13.19 26.01 28.07
CA SER B 203 12.57 24.68 27.98
C SER B 203 13.64 23.61 27.76
N ASP B 204 13.23 22.34 27.71
CA ASP B 204 14.17 21.23 27.55
C ASP B 204 15.05 21.37 26.30
N ASN B 205 16.29 20.88 26.39
CA ASN B 205 17.12 20.72 25.21
C ASN B 205 16.42 19.73 24.29
N ILE B 206 16.45 20.00 22.99
CA ILE B 206 16.03 19.00 22.02
C ILE B 206 17.22 18.62 21.15
N ASN B 207 17.14 17.43 20.57
CA ASN B 207 18.14 16.96 19.62
C ASN B 207 17.49 16.80 18.26
N MET B 208 18.29 17.01 17.22
CA MET B 208 17.86 16.73 15.86
C MET B 208 18.93 15.86 15.21
N TRP B 209 18.52 14.80 14.52
CA TRP B 209 19.42 13.97 13.75
C TRP B 209 19.09 14.17 12.28
N ILE B 210 20.11 14.20 11.44
CA ILE B 210 19.94 14.37 10.01
C ILE B 210 20.80 13.36 9.24
N ARG B 211 20.24 12.75 8.20
CA ARG B 211 21.10 12.06 7.25
C ARG B 211 20.54 12.10 5.84
N ASP B 212 21.48 12.10 4.88
CA ASP B 212 21.17 12.09 3.45
C ASP B 212 20.32 13.30 3.02
N PHE B 213 20.91 14.47 3.17
CA PHE B 213 20.24 15.71 2.81
C PHE B 213 20.64 16.02 1.38
N TYR B 214 19.68 15.86 0.47
CA TYR B 214 19.90 16.07 -0.95
C TYR B 214 19.14 17.28 -1.45
N ILE B 215 19.67 17.91 -2.49
CA ILE B 215 18.90 18.85 -3.29
C ILE B 215 18.99 18.48 -4.76
N PHE B 216 17.86 18.58 -5.47
CA PHE B 216 17.75 18.24 -6.88
C PHE B 216 17.31 19.47 -7.64
N ALA B 217 17.79 19.60 -8.87
CA ALA B 217 17.49 20.78 -9.69
C ALA B 217 16.22 20.55 -10.48
N LYS B 218 15.37 19.65 -10.01
CA LYS B 218 14.09 19.52 -10.67
C LYS B 218 13.03 19.12 -9.66
N GLU B 219 11.78 19.16 -10.10
CA GLU B 219 10.66 18.81 -9.26
C GLU B 219 10.39 17.30 -9.38
N LEU B 220 10.77 16.54 -8.35
CA LEU B 220 10.54 15.11 -8.37
C LEU B 220 9.05 14.82 -8.22
N ASP B 221 8.52 13.87 -8.98
CA ASP B 221 7.12 13.46 -8.76
C ASP B 221 6.98 12.39 -7.68
N GLY B 222 5.73 12.09 -7.31
CA GLY B 222 5.46 11.17 -6.21
C GLY B 222 6.13 9.83 -6.40
N LYS B 223 6.08 9.31 -7.62
CA LYS B 223 6.69 8.03 -7.94
C LYS B 223 8.21 8.03 -7.66
N ASP B 224 8.92 9.01 -8.21
CA ASP B 224 10.35 9.13 -7.97
C ASP B 224 10.70 9.37 -6.49
N ILE B 225 9.88 10.15 -5.80
CA ILE B 225 10.12 10.41 -4.39
C ILE B 225 10.05 9.12 -3.59
N ASN B 226 9.09 8.28 -3.93
CA ASN B 226 8.98 6.98 -3.27
C ASN B 226 10.12 6.05 -3.63
N ILE B 227 10.56 6.11 -4.88
CA ILE B 227 11.74 5.34 -5.26
C ILE B 227 12.94 5.79 -4.44
N LEU B 228 13.06 7.09 -4.26
CA LEU B 228 14.16 7.66 -3.47
C LEU B 228 14.05 7.22 -2.00
N PHE B 229 12.85 7.39 -1.45
CA PHE B 229 12.53 7.01 -0.08
C PHE B 229 13.01 5.61 0.19
N ASN B 230 12.57 4.67 -0.64
CA ASN B 230 12.92 3.27 -0.46
C ASN B 230 14.39 2.95 -0.67
N SER B 231 15.04 3.68 -1.57
CA SER B 231 16.43 3.40 -1.86
C SER B 231 17.33 3.80 -0.69
N LEU B 232 16.76 4.51 0.28
CA LEU B 232 17.54 5.03 1.39
C LEU B 232 17.34 4.27 2.68
N GLN B 233 16.71 3.10 2.58
CA GLN B 233 16.49 2.29 3.78
C GLN B 233 16.57 0.79 3.50
N TYR B 234 16.88 0.02 4.53
CA TYR B 234 16.77 -1.43 4.48
C TYR B 234 15.38 -1.81 4.95
N THR B 235 14.49 -2.05 3.99
CA THR B 235 13.08 -2.27 4.32
C THR B 235 12.82 -3.61 5.01
N ASN B 236 13.80 -4.51 4.99
CA ASN B 236 13.58 -5.78 5.67
C ASN B 236 14.16 -5.84 7.07
N VAL B 237 14.88 -4.79 7.45
CA VAL B 237 15.31 -4.65 8.82
C VAL B 237 14.15 -4.02 9.58
N VAL B 238 13.65 -4.75 10.57
CA VAL B 238 12.54 -4.29 11.38
C VAL B 238 13.01 -3.10 12.21
N LYS B 239 12.11 -2.14 12.44
CA LYS B 239 12.45 -0.92 13.14
C LYS B 239 11.82 -0.87 14.53
N ASP B 240 12.49 -0.24 15.48
CA ASP B 240 11.85 0.09 16.74
C ASP B 240 10.90 1.26 16.52
N TYR B 241 10.22 1.67 17.59
CA TYR B 241 9.14 2.65 17.49
C TYR B 241 9.61 4.01 16.96
N TRP B 242 10.90 4.29 17.13
CA TRP B 242 11.45 5.57 16.72
C TRP B 242 12.15 5.47 15.37
N GLY B 243 12.13 4.28 14.77
CA GLY B 243 12.64 4.11 13.42
C GLY B 243 14.08 3.67 13.36
N ASN B 244 14.68 3.40 14.51
CA ASN B 244 16.02 2.80 14.53
C ASN B 244 15.96 1.29 14.42
N ASP B 245 17.04 0.66 13.97
CA ASP B 245 17.06 -0.78 13.76
C ASP B 245 16.60 -1.51 15.02
N LEU B 246 15.63 -2.41 14.88
CA LEU B 246 15.21 -3.29 15.97
C LEU B 246 16.34 -4.30 16.29
N ARG B 247 16.59 -4.53 17.58
CA ARG B 247 17.71 -5.35 18.06
C ARG B 247 17.25 -6.53 18.91
N TYR B 248 17.94 -7.65 18.79
CA TYR B 248 17.79 -8.77 19.73
C TYR B 248 18.49 -8.45 21.04
N ASN B 249 18.13 -9.16 22.09
CA ASN B 249 18.81 -9.04 23.39
C ASN B 249 18.74 -7.64 23.99
N LYS B 250 17.70 -6.90 23.65
CA LYS B 250 17.55 -5.54 24.16
C LYS B 250 16.14 -5.37 24.70
N GLU B 251 16.02 -4.65 25.81
CA GLU B 251 14.71 -4.40 26.40
C GLU B 251 13.88 -3.38 25.62
N TYR B 252 12.61 -3.75 25.35
CA TYR B 252 11.64 -2.83 24.76
C TYR B 252 10.33 -2.86 25.53
N TYR B 253 9.60 -1.76 25.46
CA TYR B 253 8.18 -1.77 25.79
C TYR B 253 7.41 -2.18 24.53
N MET B 254 6.67 -3.27 24.61
CA MET B 254 5.92 -3.78 23.47
C MET B 254 4.52 -3.20 23.48
N VAL B 255 4.15 -2.50 22.40
CA VAL B 255 2.85 -1.84 22.34
C VAL B 255 2.06 -2.27 21.11
N ASN B 256 0.75 -2.27 21.25
CA ASN B 256 -0.14 -2.52 20.13
C ASN B 256 -0.56 -1.17 19.61
N ILE B 257 -0.49 -1.02 18.28
CA ILE B 257 -0.83 0.23 17.61
C ILE B 257 -2.25 0.69 17.91
N ASP B 258 -3.17 -0.26 18.08
CA ASP B 258 -4.56 0.09 18.39
C ASP B 258 -4.75 0.54 19.83
N TYR B 259 -3.75 0.30 20.68
CA TYR B 259 -3.85 0.58 22.10
C TYR B 259 -2.57 1.22 22.67
N LEU B 260 -2.22 2.38 22.12
CA LEU B 260 -0.98 3.06 22.50
C LEU B 260 -1.00 3.54 23.94
N ASN B 261 -2.20 3.79 24.47
CA ASN B 261 -2.32 4.29 25.84
C ASN B 261 -2.37 3.17 26.87
N ARG B 262 -1.94 1.97 26.47
CA ARG B 262 -1.93 0.81 27.35
C ARG B 262 -0.53 0.25 27.45
N TYR B 263 -0.12 -0.10 28.66
CA TYR B 263 1.17 -0.73 28.89
C TYR B 263 0.97 -2.21 29.20
N MET B 264 2.03 -2.98 29.03
CA MET B 264 1.98 -4.43 29.18
C MET B 264 2.25 -4.85 30.62
N TYR B 265 1.39 -5.69 31.16
CA TYR B 265 1.51 -6.18 32.52
C TYR B 265 1.22 -7.67 32.53
N ALA B 266 1.21 -8.30 33.71
CA ALA B 266 0.89 -9.71 33.80
C ALA B 266 0.19 -10.01 35.11
N ASN B 267 -0.71 -10.98 35.06
CA ASN B 267 -1.57 -11.33 36.17
C ASN B 267 -1.78 -12.83 36.10
N SER B 268 -1.25 -13.54 37.09
CA SER B 268 -1.35 -14.99 37.12
C SER B 268 -0.89 -15.61 35.81
N ARG B 269 0.31 -15.22 35.37
CA ARG B 269 0.91 -15.80 34.16
C ARG B 269 0.16 -15.43 32.88
N GLN B 270 -0.82 -14.54 32.99
CA GLN B 270 -1.52 -14.04 31.81
C GLN B 270 -1.10 -12.59 31.55
N ILE B 271 -0.67 -12.30 30.33
CA ILE B 271 -0.37 -10.91 29.98
C ILE B 271 -1.66 -10.13 29.81
N VAL B 272 -1.68 -8.93 30.35
CA VAL B 272 -2.85 -8.07 30.26
C VAL B 272 -2.34 -6.67 29.98
N PHE B 273 -3.20 -5.84 29.42
CA PHE B 273 -2.87 -4.45 29.11
C PHE B 273 -3.64 -3.50 30.02
N ASN B 274 -2.91 -2.65 30.73
CA ASN B 274 -3.49 -1.69 31.64
C ASN B 274 -3.33 -0.26 31.13
N THR B 275 -4.26 0.61 31.47
CA THR B 275 -4.19 2.01 31.06
C THR B 275 -2.99 2.73 31.69
N ARG B 276 -2.25 3.48 30.88
CA ARG B 276 -1.07 4.20 31.36
C ARG B 276 -1.47 5.33 32.29
N ARG B 277 -0.67 5.53 33.34
CA ARG B 277 -0.85 6.66 34.24
C ARG B 277 -0.07 7.86 33.71
N ASN B 278 1.07 7.58 33.10
CA ASN B 278 1.94 8.62 32.52
C ASN B 278 1.75 8.68 31.02
N ASN B 279 0.77 9.46 30.59
CA ASN B 279 0.43 9.50 29.18
C ASN B 279 1.53 10.14 28.30
N ASN B 280 2.40 10.94 28.90
CA ASN B 280 3.43 11.63 28.13
C ASN B 280 4.73 10.85 28.01
N ASP B 281 4.74 9.59 28.46
CA ASP B 281 5.96 8.80 28.43
C ASP B 281 5.66 7.36 28.10
N PHE B 282 6.72 6.59 27.88
CA PHE B 282 6.62 5.15 27.82
C PHE B 282 7.50 4.65 28.95
N ASN B 283 6.93 4.55 30.14
CA ASN B 283 7.74 4.15 31.28
C ASN B 283 7.00 3.31 32.31
N GLU B 284 6.04 2.53 31.85
CA GLU B 284 5.21 1.72 32.76
C GLU B 284 5.13 0.26 32.33
N GLY B 285 5.04 -0.63 33.31
CA GLY B 285 4.80 -2.03 33.02
C GLY B 285 6.06 -2.81 32.74
N TYR B 286 5.89 -4.02 32.23
CA TYR B 286 6.99 -4.93 32.00
C TYR B 286 7.61 -4.76 30.62
N LYS B 287 8.85 -5.20 30.50
CA LYS B 287 9.60 -5.07 29.25
C LYS B 287 9.74 -6.45 28.64
N ILE B 288 9.85 -6.51 27.32
CA ILE B 288 10.25 -7.76 26.69
C ILE B 288 11.63 -7.65 26.07
N ILE B 289 12.27 -8.79 25.92
CA ILE B 289 13.53 -8.89 25.19
C ILE B 289 13.29 -9.89 24.08
N ILE B 290 13.80 -9.57 22.90
CA ILE B 290 13.60 -10.44 21.76
C ILE B 290 14.81 -11.35 21.62
N LYS B 291 14.55 -12.65 21.45
CA LYS B 291 15.63 -13.64 21.35
C LYS B 291 15.61 -14.34 20.01
N ARG B 292 16.76 -14.37 19.34
CA ARG B 292 16.84 -14.93 17.99
C ARG B 292 16.94 -16.46 17.97
N ILE B 293 16.17 -17.09 17.10
CA ILE B 293 16.28 -18.51 16.84
C ILE B 293 16.95 -18.69 15.48
N ARG B 294 16.42 -18.04 14.46
CA ARG B 294 17.01 -18.08 13.13
C ARG B 294 17.02 -16.70 12.47
N GLY B 295 18.20 -16.26 12.03
CA GLY B 295 18.39 -14.96 11.43
C GLY B 295 19.82 -14.76 10.95
N ASN B 296 20.18 -13.53 10.61
CA ASN B 296 21.53 -13.20 10.18
C ASN B 296 22.43 -13.04 11.41
N THR B 297 23.35 -13.97 11.59
CA THR B 297 24.20 -13.98 12.77
C THR B 297 25.32 -12.95 12.76
N ASN B 298 25.49 -12.22 11.66
CA ASN B 298 26.54 -11.19 11.60
C ASN B 298 26.25 -10.03 12.54
N ASP B 299 24.98 -9.83 12.90
CA ASP B 299 24.65 -8.79 13.86
C ASP B 299 23.45 -9.16 14.72
N THR B 300 23.02 -8.23 15.56
CA THR B 300 21.87 -8.43 16.44
C THR B 300 20.63 -7.65 15.97
N ARG B 301 20.62 -7.29 14.69
CA ARG B 301 19.46 -6.65 14.07
C ARG B 301 18.39 -7.67 13.76
N VAL B 302 17.14 -7.27 13.96
CA VAL B 302 15.99 -8.13 13.66
C VAL B 302 15.49 -7.93 12.22
N ARG B 303 15.32 -9.01 11.48
CA ARG B 303 14.93 -8.90 10.09
C ARG B 303 13.64 -9.66 9.81
N GLY B 304 12.89 -9.19 8.81
CA GLY B 304 11.69 -9.88 8.36
C GLY B 304 11.98 -11.32 8.00
N GLY B 305 11.14 -12.23 8.47
CA GLY B 305 11.34 -13.64 8.23
C GLY B 305 12.15 -14.32 9.33
N ASP B 306 12.77 -13.55 10.21
CA ASP B 306 13.52 -14.16 11.32
C ASP B 306 12.58 -14.97 12.24
N ILE B 307 13.10 -16.07 12.79
CA ILE B 307 12.37 -16.86 13.78
C ILE B 307 12.93 -16.52 15.15
N LEU B 308 12.05 -16.38 16.14
CA LEU B 308 12.45 -15.81 17.42
C LEU B 308 11.42 -16.12 18.51
N TYR B 309 11.74 -15.70 19.73
CA TYR B 309 10.79 -15.81 20.84
C TYR B 309 10.99 -14.61 21.75
N PHE B 310 10.09 -14.45 22.71
CA PHE B 310 10.11 -13.29 23.59
C PHE B 310 10.31 -13.67 25.07
N ASP B 311 11.26 -13.02 25.72
CA ASP B 311 11.43 -13.14 27.15
C ASP B 311 10.79 -11.95 27.86
N MET B 312 10.18 -12.21 29.01
CA MET B 312 9.75 -11.15 29.90
C MET B 312 10.21 -11.44 31.32
N THR B 313 10.88 -10.47 31.94
CA THR B 313 11.40 -10.65 33.30
C THR B 313 10.51 -9.96 34.33
N ILE B 314 10.15 -10.71 35.36
CA ILE B 314 9.35 -10.19 36.46
C ILE B 314 9.95 -10.64 37.78
N ASN B 315 10.25 -9.70 38.67
CA ASN B 315 10.87 -10.03 39.96
C ASN B 315 12.10 -10.91 39.78
N ASN B 316 12.95 -10.52 38.83
CA ASN B 316 14.19 -11.26 38.55
C ASN B 316 13.95 -12.72 38.19
N LYS B 317 12.77 -13.03 37.71
CA LYS B 317 12.45 -14.35 37.19
C LYS B 317 12.11 -14.17 35.70
N ALA B 318 12.81 -14.89 34.83
CA ALA B 318 12.62 -14.73 33.39
C ALA B 318 11.61 -15.71 32.83
N TYR B 319 10.65 -15.19 32.06
CA TYR B 319 9.62 -16.01 31.44
C TYR B 319 9.67 -15.92 29.91
N ASN B 320 9.05 -16.89 29.25
CA ASN B 320 8.81 -16.87 27.81
C ASN B 320 7.36 -16.50 27.55
N LEU B 321 7.11 -15.60 26.61
CA LEU B 321 5.75 -15.47 26.09
C LEU B 321 5.41 -16.77 25.36
N PHE B 322 4.15 -17.18 25.42
CA PHE B 322 3.79 -18.42 24.76
C PHE B 322 2.31 -18.46 24.40
N MET B 323 1.99 -19.21 23.36
CA MET B 323 0.61 -19.37 22.95
C MET B 323 -0.05 -20.44 23.79
N LYS B 324 -1.05 -20.05 24.57
CA LYS B 324 -1.76 -20.99 25.44
C LYS B 324 -2.73 -21.83 24.63
N ASN B 325 -3.12 -22.98 25.17
CA ASN B 325 -3.99 -23.89 24.45
C ASN B 325 -5.29 -24.08 25.22
N GLU B 326 -5.91 -22.98 25.63
CA GLU B 326 -7.17 -22.99 26.35
C GLU B 326 -8.26 -22.28 25.57
N THR B 327 -9.48 -22.74 25.74
CA THR B 327 -10.65 -22.09 25.15
C THR B 327 -10.73 -20.67 25.63
N MET B 328 -11.19 -19.77 24.78
CA MET B 328 -11.33 -18.38 25.18
C MET B 328 -12.79 -18.00 25.23
N TYR B 329 -13.12 -16.99 26.03
CA TYR B 329 -14.50 -16.57 26.20
C TYR B 329 -14.64 -15.07 25.94
N ALA B 330 -15.56 -14.72 25.07
CA ALA B 330 -15.82 -13.31 24.78
C ALA B 330 -17.30 -13.00 24.96
N ASP B 331 -17.59 -11.80 25.48
CA ASP B 331 -18.96 -11.41 25.81
C ASP B 331 -19.96 -11.70 24.70
N ASN B 332 -19.81 -11.02 23.57
CA ASN B 332 -20.72 -11.22 22.45
C ASN B 332 -19.97 -11.45 21.13
N HIS B 333 -19.03 -12.38 21.18
CA HIS B 333 -18.20 -12.72 20.02
C HIS B 333 -17.92 -14.21 19.98
N SER B 334 -17.43 -14.68 18.85
CA SER B 334 -16.90 -16.03 18.76
C SER B 334 -15.43 -15.97 19.13
N THR B 335 -14.87 -17.11 19.49
CA THR B 335 -13.48 -17.17 19.91
C THR B 335 -12.77 -18.33 19.23
N GLU B 336 -13.40 -18.87 18.20
CA GLU B 336 -12.81 -19.99 17.47
C GLU B 336 -11.42 -19.61 16.94
N ASP B 337 -10.45 -20.46 17.23
CA ASP B 337 -9.09 -20.29 16.72
C ASP B 337 -8.36 -19.13 17.36
N ILE B 338 -8.90 -18.60 18.45
CA ILE B 338 -8.28 -17.55 19.23
C ILE B 338 -7.64 -18.13 20.47
N TYR B 339 -6.36 -17.82 20.70
CA TYR B 339 -5.64 -18.32 21.88
C TYR B 339 -4.92 -17.19 22.60
N ALA B 340 -4.92 -17.24 23.92
CA ALA B 340 -4.25 -16.23 24.69
C ALA B 340 -2.75 -16.40 24.62
N ILE B 341 -2.03 -15.29 24.67
CA ILE B 341 -0.59 -15.33 24.89
C ILE B 341 -0.28 -15.07 26.35
N GLY B 342 0.45 -15.98 26.98
CA GLY B 342 0.76 -15.86 28.40
C GLY B 342 2.24 -16.01 28.68
N LEU B 343 2.56 -16.24 29.95
CA LEU B 343 3.94 -16.42 30.37
C LEU B 343 4.17 -17.83 30.89
N ARG B 344 5.34 -18.39 30.61
CA ARG B 344 5.72 -19.70 31.14
C ARG B 344 7.20 -19.69 31.48
N GLU B 345 7.59 -20.50 32.44
CA GLU B 345 8.98 -20.52 32.86
C GLU B 345 9.86 -21.03 31.73
N GLN B 346 11.06 -20.47 31.64
CA GLN B 346 12.00 -20.90 30.64
C GLN B 346 12.39 -22.35 30.88
N THR B 347 12.68 -23.07 29.81
CA THR B 347 13.20 -24.42 29.93
C THR B 347 14.45 -24.55 29.09
N LYS B 348 15.16 -25.67 29.26
CA LYS B 348 16.42 -25.89 28.55
C LYS B 348 16.18 -25.93 27.04
N ASP B 349 15.04 -26.49 26.64
CA ASP B 349 14.69 -26.62 25.24
C ASP B 349 13.71 -25.54 24.79
N ILE B 350 13.81 -25.15 23.52
CA ILE B 350 12.87 -24.21 22.94
C ILE B 350 11.56 -24.91 22.56
N ASN B 351 10.51 -24.68 23.35
CA ASN B 351 9.22 -25.29 23.05
C ASN B 351 8.52 -24.64 21.86
N ASP B 352 7.88 -25.46 21.04
CA ASP B 352 7.16 -24.97 19.87
C ASP B 352 6.24 -23.78 20.19
N ASN B 353 5.60 -23.80 21.35
CA ASN B 353 4.58 -22.81 21.64
C ASN B 353 5.10 -21.42 22.00
N ILE B 354 6.41 -21.24 21.99
CA ILE B 354 6.95 -19.91 22.23
C ILE B 354 7.51 -19.30 20.94
N ILE B 355 7.38 -20.02 19.84
CA ILE B 355 8.07 -19.63 18.61
C ILE B 355 7.23 -18.73 17.68
N PHE B 356 7.82 -17.62 17.26
CA PHE B 356 7.17 -16.68 16.36
C PHE B 356 8.08 -16.28 15.18
N GLN B 357 7.47 -15.79 14.11
CA GLN B 357 8.20 -15.19 13.01
C GLN B 357 7.74 -13.74 12.81
N ILE B 358 8.70 -12.84 12.62
CA ILE B 358 8.41 -11.41 12.53
C ILE B 358 8.50 -10.86 11.09
N GLN B 359 7.68 -9.84 10.79
CA GLN B 359 7.75 -9.09 9.54
C GLN B 359 7.63 -7.60 9.84
N PRO B 360 8.32 -6.75 9.04
CA PRO B 360 8.19 -5.30 9.19
C PRO B 360 6.79 -4.89 8.85
N MET B 361 6.25 -3.88 9.52
CA MET B 361 4.96 -3.32 9.17
C MET B 361 5.06 -1.85 9.47
N ASN B 362 5.58 -1.12 8.49
CA ASN B 362 5.73 0.31 8.62
C ASN B 362 4.60 1.04 7.96
N ASN B 363 4.40 2.26 8.43
CA ASN B 363 3.27 3.08 8.04
C ASN B 363 3.82 4.50 7.91
N THR B 364 3.09 5.36 7.22
CA THR B 364 3.50 6.75 7.11
C THR B 364 3.83 7.36 8.47
N TYR B 365 3.08 6.97 9.50
CA TYR B 365 3.21 7.64 10.80
C TYR B 365 3.70 6.77 11.95
N TYR B 366 4.09 5.54 11.65
CA TYR B 366 4.72 4.74 12.68
C TYR B 366 5.50 3.55 12.15
N TYR B 367 6.37 3.03 13.00
CA TYR B 367 7.17 1.85 12.70
C TYR B 367 6.68 0.69 13.57
N ALA B 368 6.34 -0.43 12.94
CA ALA B 368 5.80 -1.54 13.71
C ALA B 368 6.13 -2.84 13.02
N SER B 369 5.44 -3.90 13.42
CA SER B 369 5.70 -5.23 12.89
C SER B 369 4.43 -6.05 12.99
N GLN B 370 4.39 -7.15 12.25
CA GLN B 370 3.40 -8.18 12.46
C GLN B 370 4.15 -9.40 12.92
N ILE B 371 3.53 -10.14 13.84
CA ILE B 371 4.16 -11.27 14.49
C ILE B 371 3.29 -12.50 14.32
N PHE B 372 3.89 -13.52 13.73
CA PHE B 372 3.15 -14.70 13.31
C PHE B 372 3.60 -15.89 14.14
N LYS B 373 2.63 -16.71 14.55
CA LYS B 373 2.96 -17.97 15.19
C LYS B 373 3.59 -18.93 14.20
N SER B 374 4.75 -19.46 14.57
CA SER B 374 5.55 -20.25 13.67
C SER B 374 6.08 -21.51 14.35
N ASN B 375 6.44 -22.50 13.54
CA ASN B 375 7.20 -23.65 14.03
C ASN B 375 8.71 -23.34 13.93
N PHE B 376 9.55 -24.26 14.40
CA PHE B 376 10.98 -24.01 14.51
C PHE B 376 11.64 -23.54 13.21
N ASN B 377 11.22 -24.06 12.08
CA ASN B 377 11.87 -23.72 10.81
C ASN B 377 11.08 -22.75 9.93
N GLY B 378 9.95 -22.26 10.43
CA GLY B 378 9.17 -21.27 9.71
C GLY B 378 8.40 -21.78 8.51
N GLU B 379 8.35 -23.10 8.37
CA GLU B 379 7.61 -23.73 7.27
C GLU B 379 6.12 -23.87 7.58
N ASN B 380 5.78 -23.82 8.85
CA ASN B 380 4.37 -23.83 9.22
C ASN B 380 3.99 -22.57 9.99
N ILE B 381 3.44 -21.58 9.28
CA ILE B 381 2.96 -20.36 9.90
C ILE B 381 1.47 -20.54 10.16
N SER B 382 1.07 -20.51 11.42
CA SER B 382 -0.25 -21.00 11.78
C SER B 382 -1.20 -19.92 12.27
N GLY B 383 -0.70 -18.72 12.52
CA GLY B 383 -1.53 -17.65 13.02
C GLY B 383 -0.81 -16.32 13.12
N ILE B 384 -1.57 -15.28 13.46
CA ILE B 384 -1.02 -13.95 13.63
C ILE B 384 -1.37 -13.44 15.03
N CYS B 385 -0.47 -12.67 15.63
CA CYS B 385 -0.72 -12.10 16.95
C CYS B 385 -1.64 -10.91 16.84
N SER B 386 -2.57 -10.83 17.77
CA SER B 386 -3.54 -9.74 17.75
C SER B 386 -3.96 -9.56 19.21
N ILE B 387 -4.92 -8.68 19.46
CA ILE B 387 -5.21 -8.19 20.79
C ILE B 387 -6.72 -8.13 20.90
N GLY B 388 -7.25 -8.34 22.12
CA GLY B 388 -8.69 -8.30 22.32
C GLY B 388 -9.13 -8.42 23.77
N THR B 389 -10.43 -8.23 24.00
CA THR B 389 -10.99 -8.26 25.34
C THR B 389 -11.70 -9.59 25.58
N TYR B 390 -11.22 -10.34 26.56
CA TYR B 390 -11.72 -11.68 26.83
C TYR B 390 -11.92 -11.93 28.34
N ARG B 391 -12.75 -12.91 28.68
CA ARG B 391 -13.13 -13.21 30.06
C ARG B 391 -12.22 -14.24 30.71
N PHE B 392 -11.60 -13.86 31.82
CA PHE B 392 -10.70 -14.74 32.54
C PHE B 392 -11.02 -14.70 34.02
N ARG B 393 -10.58 -15.73 34.73
CA ARG B 393 -10.42 -15.66 36.18
C ARG B 393 -8.92 -15.56 36.48
N LEU B 394 -8.47 -14.40 36.87
CA LEU B 394 -7.07 -14.19 37.18
C LEU B 394 -6.99 -13.79 38.63
N GLY B 395 -5.85 -13.51 39.18
CA GLY B 395 -5.78 -12.86 40.47
C GLY B 395 -6.54 -13.55 41.57
N GLY B 396 -7.43 -12.86 42.19
CA GLY B 396 -8.23 -13.60 43.13
C GLY B 396 -9.65 -13.62 42.66
N ASP B 397 -9.83 -13.77 41.37
CA ASP B 397 -11.13 -13.68 40.77
C ASP B 397 -11.91 -14.93 41.06
N TRP B 398 -13.08 -14.77 41.62
CA TRP B 398 -13.99 -15.90 41.67
C TRP B 398 -14.83 -15.96 40.39
N TYR B 399 -15.24 -14.78 39.92
CA TYR B 399 -15.99 -14.68 38.67
C TYR B 399 -15.06 -14.30 37.52
N ARG B 400 -15.50 -14.56 36.29
CA ARG B 400 -14.76 -14.14 35.11
C ARG B 400 -14.90 -12.64 34.90
N HIS B 401 -13.79 -11.97 34.63
CA HIS B 401 -13.82 -10.55 34.30
C HIS B 401 -13.17 -10.32 32.92
N ASN B 402 -13.45 -9.17 32.32
CA ASN B 402 -12.82 -8.78 31.06
C ASN B 402 -11.41 -8.27 31.24
N TYR B 403 -10.50 -8.79 30.42
CA TYR B 403 -9.16 -8.27 30.35
C TYR B 403 -8.78 -8.04 28.88
N LEU B 404 -8.03 -6.97 28.62
CA LEU B 404 -7.44 -6.75 27.32
C LEU B 404 -6.11 -7.53 27.26
N VAL B 405 -6.05 -8.51 26.37
CA VAL B 405 -4.92 -9.44 26.34
C VAL B 405 -4.37 -9.65 24.92
N PRO B 406 -3.08 -10.03 24.81
CA PRO B 406 -2.56 -10.39 23.50
C PRO B 406 -3.04 -11.79 23.14
N THR B 407 -3.25 -12.02 21.85
CA THR B 407 -3.78 -13.29 21.39
C THR B 407 -3.09 -13.75 20.10
N VAL B 408 -3.24 -15.02 19.81
CA VAL B 408 -2.93 -15.55 18.48
C VAL B 408 -4.25 -15.97 17.83
N LYS B 409 -4.49 -15.48 16.62
CA LYS B 409 -5.60 -15.94 15.81
C LYS B 409 -5.03 -16.93 14.79
N GLN B 410 -5.41 -18.20 14.93
CA GLN B 410 -5.07 -19.23 13.96
C GLN B 410 -6.23 -19.45 12.99
N GLY B 411 -6.40 -20.66 12.48
CA GLY B 411 -7.41 -20.86 11.45
C GLY B 411 -7.02 -20.01 10.24
N ASN B 412 -7.99 -19.48 9.50
CA ASN B 412 -7.67 -18.58 8.40
C ASN B 412 -7.36 -17.18 8.90
N TYR B 413 -6.13 -17.00 9.38
CA TYR B 413 -5.72 -15.71 9.93
C TYR B 413 -5.60 -14.63 8.85
N ALA B 414 -5.65 -15.03 7.57
CA ALA B 414 -5.47 -14.07 6.47
C ALA B 414 -6.44 -12.92 6.59
N SER B 415 -7.63 -13.21 7.12
CA SER B 415 -8.66 -12.19 7.25
C SER B 415 -8.26 -11.03 8.17
N LEU B 416 -7.27 -11.25 9.03
CA LEU B 416 -6.78 -10.19 9.93
C LEU B 416 -5.54 -9.47 9.45
N LEU B 417 -4.97 -9.89 8.33
CA LEU B 417 -3.71 -9.30 7.86
C LEU B 417 -3.75 -7.78 7.71
N GLU B 418 -4.94 -7.25 7.45
CA GLU B 418 -5.10 -5.81 7.17
C GLU B 418 -5.44 -5.01 8.43
N SER B 419 -5.68 -5.71 9.54
CA SER B 419 -6.06 -5.07 10.79
C SER B 419 -4.89 -4.44 11.53
N THR B 420 -5.03 -3.18 11.93
CA THR B 420 -4.02 -2.50 12.73
C THR B 420 -3.91 -3.12 14.14
N SER B 421 -4.88 -3.95 14.51
CA SER B 421 -4.79 -4.69 15.77
C SER B 421 -3.64 -5.73 15.76
N THR B 422 -3.06 -5.96 14.58
CA THR B 422 -1.95 -6.92 14.47
C THR B 422 -0.61 -6.20 14.35
N HIS B 423 -0.64 -4.88 14.50
CA HIS B 423 0.57 -4.08 14.40
C HIS B 423 1.17 -3.88 15.79
N TRP B 424 2.43 -4.28 15.95
CA TRP B 424 3.14 -4.22 17.22
C TRP B 424 4.39 -3.35 17.13
N GLY B 425 4.49 -2.38 18.04
CA GLY B 425 5.65 -1.51 18.09
C GLY B 425 6.54 -1.85 19.27
N PHE B 426 7.81 -1.49 19.17
CA PHE B 426 8.78 -1.77 20.22
C PHE B 426 9.49 -0.49 20.61
N VAL B 427 9.13 0.04 21.78
CA VAL B 427 9.74 1.26 22.28
C VAL B 427 10.99 0.96 23.11
N PRO B 428 12.12 1.55 22.72
CA PRO B 428 13.37 1.33 23.46
C PRO B 428 13.24 1.86 24.89
N VAL B 429 13.77 1.12 25.86
CA VAL B 429 13.78 1.57 27.24
C VAL B 429 14.94 2.53 27.49
N SER B 430 14.63 3.78 27.79
CA SER B 430 15.65 4.80 28.01
C SER B 430 16.07 4.84 29.47
N GLU B 431 16.68 3.74 29.93
CA GLU B 431 17.07 3.61 31.33
C GLU B 431 18.34 2.77 31.43
#